data_5TQC
#
_entry.id   5TQC
#
_cell.length_a   68.630
_cell.length_b   130.700
_cell.length_c   174.200
_cell.angle_alpha   90.00
_cell.angle_beta   90.00
_cell.angle_gamma   90.00
#
_symmetry.space_group_name_H-M   'P 2 21 21'
#
loop_
_entity.id
_entity.type
_entity.pdbx_description
1 polymer Transportin-1,Transportin-1
2 polymer '60S ribosomal protein L4-like protein'
#
loop_
_entity_poly.entity_id
_entity_poly.type
_entity_poly.pdbx_seq_one_letter_code
_entity_poly.pdbx_strand_id
1 'polypeptide(L)'
;MEYEWKPDEQGLQQILQLLKESQSPDTTIQRTVQQKLEQLNQYPDFNNYLIFVLTKLKSEDEPTRSLSGLILKNNVKAHF
QNFPNGVTDFIKSECLNNIGDSSPLIRATVGILITTIASKGELQNWPDLLPKLCSLLDSEDYNTCEGAFGALQKICEDSA
EILDSDVLDRPLNIMIPKFLQFFKHSSPKIRSHAVACVNQFIISRTQALMLHIDSFIENLFALAGDEEPEVRKNVCRALV
MLLEVRMDRLLPHMHNIVEYMLQRTQDQDENVALEACEFWLTLAEQPICKDVLVRHLPKLIPVLVNGMKYSDIDIILLKG
DVEEDETIPDSEQDIGGSGGSGDDTISDWNLRKCSAAALDVLANVYRDELLPHILPLLKELLFHHEWVVKESGILVLGAI
AEGCMQGMIPYLPELIPHLIQCLSDKKALVRSITCWTLSRYAHWVVSQPPDTYLKPLMTELLKRILDSNKRVQEAACSAF
ATLEEEACTELVPYLAYILDTLVFAFSKYQHKNLLILYDAIGTLADSVGHHLNKPEYIQMLMPPLIQKWNMLKDEDKDLF
PLLECLSSVATALQSGFLPYCEPVYQRCVNLVQKTLAQAMLNNAQPDQYEAPDKDFMIVALDLLSGLAEGLGGNIEQLVA
RSNILTLMYQCMQDKMPEVRQSSFALLGDLTKACFQHVKPCIADFMPILGTNLNPEFISVCNNATWAIGEISIQMGIEMQ
PYIPMVLHQLVEIINRPNTPKTLLENTAITIGRLGYVCPQEVAPMLQQFIRPWCTSLRNIRDNEEKDSAFRGICTMISVN
PSGVIQDFIFFCDAVASWINPKDDLRDMFCKILHGFKNQVGDENWRRFSDQFPLPLKERLAAFYGV
;
A
2 'polypeptide(L)' SRTKRACVQKKNPLRNKQIMLRLNPY B
#
# COMPACT_ATOMS: atom_id res chain seq x y z
N GLU A 4 51.40 8.30 -28.04
CA GLU A 4 50.09 8.85 -28.40
C GLU A 4 49.42 8.03 -29.49
N TRP A 5 48.36 8.59 -30.07
CA TRP A 5 47.62 7.90 -31.13
C TRP A 5 47.25 8.86 -32.25
N LYS A 6 47.50 8.43 -33.49
CA LYS A 6 47.19 9.23 -34.66
C LYS A 6 46.24 8.49 -35.60
N PRO A 7 45.20 9.18 -36.07
CA PRO A 7 44.16 8.59 -36.93
C PRO A 7 44.60 8.49 -38.39
N ASP A 8 43.91 7.63 -39.14
CA ASP A 8 44.14 7.53 -40.58
C ASP A 8 43.15 8.42 -41.32
N GLU A 9 43.67 9.27 -42.20
CA GLU A 9 42.87 10.27 -42.89
C GLU A 9 41.72 9.68 -43.72
N GLN A 10 41.99 8.57 -44.39
CA GLN A 10 41.01 7.96 -45.28
C GLN A 10 39.85 7.34 -44.50
N GLY A 11 40.16 6.70 -43.39
CA GLY A 11 39.14 6.14 -42.52
C GLY A 11 38.37 7.25 -41.84
N LEU A 12 39.07 8.34 -41.54
CA LEU A 12 38.48 9.50 -40.88
C LEU A 12 37.47 10.20 -41.78
N GLN A 13 37.76 10.24 -43.08
CA GLN A 13 36.90 10.93 -44.04
C GLN A 13 35.52 10.29 -44.15
N GLN A 14 35.46 8.96 -44.02
CA GLN A 14 34.20 8.25 -44.09
C GLN A 14 33.42 8.35 -42.78
N ILE A 15 34.14 8.54 -41.68
CA ILE A 15 33.50 8.78 -40.39
C ILE A 15 32.80 10.13 -40.42
N LEU A 16 33.45 11.11 -41.03
CA LEU A 16 32.85 12.43 -41.22
C LEU A 16 31.63 12.31 -42.12
N GLN A 17 31.69 11.40 -43.09
CA GLN A 17 30.55 11.12 -43.96
C GLN A 17 29.41 10.51 -43.17
N LEU A 18 29.75 9.60 -42.25
CA LEU A 18 28.75 8.96 -41.40
C LEU A 18 28.08 9.98 -40.48
N LEU A 19 28.83 11.01 -40.12
CA LEU A 19 28.30 12.08 -39.27
C LEU A 19 27.40 13.01 -40.08
N LYS A 20 27.74 13.19 -41.36
CA LYS A 20 26.92 14.02 -42.24
C LYS A 20 25.61 13.31 -42.60
N GLU A 21 25.67 11.99 -42.71
CA GLU A 21 24.49 11.19 -43.03
C GLU A 21 23.57 11.09 -41.82
N SER A 22 24.12 11.25 -40.63
CA SER A 22 23.35 11.22 -39.40
C SER A 22 22.60 12.54 -39.20
N GLN A 23 23.07 13.58 -39.89
CA GLN A 23 22.46 14.90 -39.80
C GLN A 23 21.52 15.15 -40.97
N SER A 24 21.30 14.11 -41.78
CA SER A 24 20.41 14.22 -42.93
C SER A 24 18.96 14.39 -42.48
N PRO A 25 18.27 15.41 -43.02
CA PRO A 25 16.88 15.71 -42.68
C PRO A 25 15.94 14.57 -43.05
N ASP A 26 16.28 13.82 -44.08
CA ASP A 26 15.46 12.71 -44.55
C ASP A 26 15.46 11.57 -43.53
N THR A 27 14.28 11.01 -43.27
CA THR A 27 14.14 9.95 -42.28
C THR A 27 14.54 8.58 -42.84
N THR A 28 14.57 8.46 -44.16
CA THR A 28 14.87 7.18 -44.81
C THR A 28 16.38 6.96 -44.93
N ILE A 29 17.16 8.00 -44.66
CA ILE A 29 18.61 7.90 -44.74
C ILE A 29 19.21 7.63 -43.36
N GLN A 30 18.52 8.08 -42.32
CA GLN A 30 18.99 7.93 -40.95
C GLN A 30 19.06 6.47 -40.51
N ARG A 31 18.22 5.62 -41.12
CA ARG A 31 18.17 4.21 -40.74
C ARG A 31 19.27 3.39 -41.39
N THR A 32 19.78 3.87 -42.52
CA THR A 32 20.82 3.16 -43.25
C THR A 32 22.20 3.39 -42.63
N VAL A 33 22.40 4.56 -42.04
CA VAL A 33 23.67 4.91 -41.44
C VAL A 33 23.83 4.31 -40.04
N GLN A 34 22.70 4.11 -39.36
CA GLN A 34 22.72 3.54 -38.01
C GLN A 34 23.19 2.09 -38.04
N GLN A 35 22.88 1.38 -39.13
CA GLN A 35 23.31 0.00 -39.27
C GLN A 35 24.81 -0.07 -39.55
N LYS A 36 25.34 0.95 -40.21
CA LYS A 36 26.77 1.02 -40.50
C LYS A 36 27.53 1.37 -39.22
N LEU A 37 26.94 2.21 -38.39
CA LEU A 37 27.54 2.59 -37.12
C LEU A 37 27.47 1.46 -36.11
N GLU A 38 26.42 0.65 -36.21
CA GLU A 38 26.20 -0.46 -35.27
C GLU A 38 27.26 -1.54 -35.45
N GLN A 39 27.77 -1.67 -36.68
CA GLN A 39 28.81 -2.64 -36.99
C GLN A 39 30.17 -2.16 -36.49
N LEU A 40 30.41 -0.86 -36.64
CA LEU A 40 31.66 -0.25 -36.18
C LEU A 40 31.63 -0.08 -34.66
N ASN A 41 30.44 -0.03 -34.08
CA ASN A 41 30.27 0.09 -32.64
C ASN A 41 30.87 -1.11 -31.92
N GLN A 42 30.62 -2.29 -32.47
CA GLN A 42 31.17 -3.53 -31.92
C GLN A 42 32.69 -3.53 -32.06
N TYR A 43 33.18 -2.95 -33.15
CA TYR A 43 34.61 -2.82 -33.37
C TYR A 43 35.24 -1.82 -32.40
N PRO A 44 36.22 -2.28 -31.61
CA PRO A 44 36.99 -1.36 -30.76
C PRO A 44 37.86 -0.47 -31.63
N ASP A 45 38.55 0.50 -31.02
CA ASP A 45 39.39 1.46 -31.74
C ASP A 45 38.58 2.45 -32.60
N PHE A 46 37.33 2.10 -32.87
CA PHE A 46 36.42 2.99 -33.58
C PHE A 46 36.03 4.17 -32.68
N ASN A 47 35.81 3.87 -31.40
CA ASN A 47 35.49 4.89 -30.42
C ASN A 47 36.67 5.83 -30.23
N ASN A 48 37.86 5.32 -30.50
CA ASN A 48 39.09 6.10 -30.41
C ASN A 48 39.13 7.19 -31.48
N TYR A 49 38.38 6.98 -32.56
CA TYR A 49 38.28 7.96 -33.63
C TYR A 49 37.27 9.06 -33.29
N LEU A 50 36.18 8.66 -32.62
CA LEU A 50 35.12 9.59 -32.27
C LEU A 50 35.59 10.68 -31.31
N ILE A 51 36.35 10.27 -30.30
CA ILE A 51 36.88 11.21 -29.31
C ILE A 51 37.85 12.20 -29.94
N PHE A 52 38.47 11.78 -31.04
CA PHE A 52 39.40 12.64 -31.76
C PHE A 52 38.66 13.76 -32.48
N VAL A 53 37.56 13.41 -33.13
CA VAL A 53 36.76 14.38 -33.87
C VAL A 53 36.16 15.43 -32.94
N LEU A 54 35.77 14.98 -31.74
CA LEU A 54 35.14 15.86 -30.77
C LEU A 54 36.08 16.94 -30.25
N THR A 55 37.31 16.55 -29.91
CA THR A 55 38.25 17.46 -29.27
C THR A 55 39.36 17.95 -30.21
N LYS A 56 40.11 17.00 -30.77
CA LYS A 56 41.27 17.33 -31.59
C LYS A 56 40.90 18.03 -32.90
N LEU A 57 40.00 17.41 -33.67
CA LEU A 57 39.62 17.94 -34.97
C LEU A 57 38.73 19.17 -34.82
N LYS A 58 39.35 20.36 -34.84
CA LYS A 58 38.62 21.61 -34.64
C LYS A 58 38.28 22.30 -35.96
N SER A 59 38.52 21.62 -37.07
CA SER A 59 38.24 22.19 -38.39
C SER A 59 36.84 21.79 -38.88
N GLU A 60 36.08 21.14 -38.01
CA GLU A 60 34.73 20.70 -38.35
C GLU A 60 33.66 21.52 -37.64
N ASP A 61 32.42 21.35 -38.07
CA ASP A 61 31.29 22.06 -37.47
C ASP A 61 31.10 21.65 -36.01
N GLU A 62 30.64 22.60 -35.20
CA GLU A 62 30.34 22.31 -33.80
C GLU A 62 29.28 21.21 -33.59
N PRO A 63 28.19 21.22 -34.37
CA PRO A 63 27.24 20.11 -34.20
C PRO A 63 27.80 18.78 -34.69
N THR A 64 28.71 18.82 -35.66
CA THR A 64 29.32 17.60 -36.18
C THR A 64 30.25 16.98 -35.14
N ARG A 65 31.05 17.81 -34.48
CA ARG A 65 31.96 17.36 -33.44
C ARG A 65 31.19 16.84 -32.24
N SER A 66 30.12 17.56 -31.87
CA SER A 66 29.32 17.20 -30.71
C SER A 66 28.58 15.89 -30.93
N LEU A 67 28.12 15.66 -32.15
CA LEU A 67 27.44 14.42 -32.50
C LEU A 67 28.39 13.23 -32.37
N SER A 68 29.65 13.46 -32.70
CA SER A 68 30.68 12.43 -32.60
C SER A 68 30.87 12.00 -31.14
N GLY A 69 30.87 12.99 -30.24
CA GLY A 69 31.04 12.72 -28.82
C GLY A 69 29.82 12.09 -28.19
N LEU A 70 28.65 12.35 -28.79
CA LEU A 70 27.39 11.81 -28.26
C LEU A 70 27.15 10.38 -28.74
N ILE A 71 27.67 10.05 -29.92
CA ILE A 71 27.61 8.68 -30.41
C ILE A 71 28.53 7.80 -29.57
N LEU A 72 29.67 8.37 -29.18
CA LEU A 72 30.62 7.70 -28.30
C LEU A 72 29.96 7.40 -26.97
N LYS A 73 29.10 8.31 -26.53
CA LYS A 73 28.39 8.16 -25.27
C LYS A 73 27.48 6.93 -25.27
N ASN A 74 26.73 6.76 -26.36
CA ASN A 74 25.80 5.65 -26.49
C ASN A 74 26.52 4.30 -26.59
N ASN A 75 27.77 4.34 -27.05
CA ASN A 75 28.58 3.13 -27.13
C ASN A 75 29.06 2.70 -25.74
N VAL A 76 29.27 3.68 -24.88
CA VAL A 76 29.66 3.42 -23.49
C VAL A 76 28.47 2.84 -22.72
N LYS A 77 27.28 3.35 -23.02
CA LYS A 77 26.07 2.90 -22.34
C LYS A 77 25.68 1.47 -22.69
N ALA A 78 26.37 0.88 -23.66
CA ALA A 78 26.02 -0.46 -24.13
C ALA A 78 27.21 -1.41 -24.21
N HIS A 79 28.38 -0.89 -24.62
CA HIS A 79 29.52 -1.74 -24.86
C HIS A 79 30.71 -1.50 -23.91
N PHE A 80 30.47 -0.87 -22.76
CA PHE A 80 31.56 -0.59 -21.83
C PHE A 80 32.06 -1.82 -21.11
N GLN A 81 31.28 -2.90 -21.15
CA GLN A 81 31.69 -4.17 -20.57
C GLN A 81 32.76 -4.81 -21.43
N ASN A 82 32.92 -4.31 -22.66
CA ASN A 82 33.91 -4.81 -23.59
C ASN A 82 34.98 -3.76 -23.96
N PHE A 83 34.93 -2.60 -23.34
CA PHE A 83 35.89 -1.53 -23.66
C PHE A 83 37.33 -1.88 -23.26
N PRO A 84 38.27 -1.71 -24.20
CA PRO A 84 39.70 -1.96 -23.98
C PRO A 84 40.29 -0.92 -23.02
N ASN A 85 41.21 -1.36 -22.16
CA ASN A 85 41.82 -0.48 -21.18
C ASN A 85 42.71 0.59 -21.81
N GLY A 86 43.24 0.30 -22.99
CA GLY A 86 44.10 1.23 -23.68
C GLY A 86 43.33 2.38 -24.30
N VAL A 87 42.08 2.12 -24.67
CA VAL A 87 41.26 3.13 -25.31
C VAL A 87 40.61 4.08 -24.29
N THR A 88 40.05 3.50 -23.24
CA THR A 88 39.36 4.28 -22.21
C THR A 88 40.29 5.30 -21.56
N ASP A 89 41.55 4.91 -21.36
CA ASP A 89 42.54 5.80 -20.75
C ASP A 89 42.78 7.05 -21.59
N PHE A 90 42.67 6.91 -22.91
CA PHE A 90 42.86 8.05 -23.80
C PHE A 90 41.62 8.93 -23.84
N ILE A 91 40.44 8.31 -23.81
CA ILE A 91 39.18 9.05 -23.82
C ILE A 91 39.05 9.87 -22.54
N LYS A 92 39.31 9.23 -21.40
CA LYS A 92 39.21 9.90 -20.11
C LYS A 92 40.25 11.01 -19.97
N SER A 93 41.40 10.82 -20.60
CA SER A 93 42.45 11.83 -20.57
C SER A 93 42.12 12.99 -21.51
N GLU A 94 41.37 12.70 -22.56
CA GLU A 94 41.04 13.71 -23.56
C GLU A 94 39.84 14.54 -23.12
N CYS A 95 38.99 13.97 -22.28
CA CYS A 95 37.83 14.68 -21.76
C CYS A 95 38.21 15.69 -20.69
N LEU A 96 39.05 15.26 -19.75
CA LEU A 96 39.47 16.13 -18.64
C LEU A 96 40.32 17.31 -19.12
N ASN A 97 40.89 17.18 -20.31
CA ASN A 97 41.68 18.27 -20.89
C ASN A 97 40.79 19.27 -21.63
N ASN A 98 39.55 18.88 -21.91
CA ASN A 98 38.61 19.76 -22.59
C ASN A 98 37.32 19.94 -21.79
N ILE A 99 37.40 19.73 -20.48
CA ILE A 99 36.23 19.83 -19.61
C ILE A 99 35.75 21.28 -19.51
N GLY A 100 36.63 22.23 -19.80
CA GLY A 100 36.28 23.64 -19.75
C GLY A 100 36.42 24.30 -21.11
N ASP A 101 35.91 23.65 -22.14
CA ASP A 101 36.01 24.17 -23.50
C ASP A 101 35.25 25.48 -23.64
N SER A 102 35.70 26.33 -24.55
CA SER A 102 35.08 27.64 -24.75
C SER A 102 33.66 27.50 -25.30
N SER A 103 33.48 26.59 -26.26
CA SER A 103 32.17 26.35 -26.84
C SER A 103 31.25 25.64 -25.85
N PRO A 104 30.09 26.23 -25.56
CA PRO A 104 29.13 25.68 -24.59
C PRO A 104 28.54 24.36 -25.06
N LEU A 105 28.50 24.15 -26.38
CA LEU A 105 27.99 22.90 -26.93
C LEU A 105 29.01 21.78 -26.76
N ILE A 106 30.28 22.09 -27.00
CA ILE A 106 31.35 21.11 -26.83
C ILE A 106 31.55 20.78 -25.36
N ARG A 107 31.47 21.80 -24.51
CA ARG A 107 31.66 21.63 -23.08
C ARG A 107 30.59 20.71 -22.49
N ALA A 108 29.39 20.78 -23.05
CA ALA A 108 28.28 19.95 -22.60
C ALA A 108 28.46 18.50 -23.05
N THR A 109 29.00 18.32 -24.25
CA THR A 109 29.23 16.99 -24.80
C THR A 109 30.33 16.26 -24.03
N VAL A 110 31.40 17.00 -23.69
CA VAL A 110 32.46 16.46 -22.87
C VAL A 110 31.93 16.15 -21.48
N GLY A 111 31.08 17.02 -20.96
CA GLY A 111 30.50 16.87 -19.65
C GLY A 111 29.66 15.62 -19.50
N ILE A 112 28.85 15.33 -20.51
CA ILE A 112 27.98 14.15 -20.46
C ILE A 112 28.78 12.86 -20.67
N LEU A 113 29.93 12.98 -21.32
CA LEU A 113 30.81 11.83 -21.51
C LEU A 113 31.47 11.42 -20.20
N ILE A 114 31.99 12.39 -19.47
CA ILE A 114 32.67 12.15 -18.20
C ILE A 114 31.75 11.48 -17.19
N THR A 115 30.54 12.01 -17.06
CA THR A 115 29.58 11.48 -16.09
C THR A 115 29.04 10.12 -16.51
N THR A 116 29.05 9.84 -17.80
CA THR A 116 28.58 8.56 -18.32
C THR A 116 29.57 7.45 -18.02
N ILE A 117 30.86 7.74 -18.19
CA ILE A 117 31.93 6.80 -17.90
C ILE A 117 31.91 6.44 -16.41
N ALA A 118 31.62 7.42 -15.57
CA ALA A 118 31.55 7.21 -14.13
C ALA A 118 30.23 6.57 -13.71
N SER A 119 29.27 6.53 -14.63
CA SER A 119 27.95 5.96 -14.35
C SER A 119 27.90 4.48 -14.72
N LYS A 120 28.15 4.18 -15.99
CA LYS A 120 28.18 2.79 -16.45
C LYS A 120 29.35 2.05 -15.81
N GLY A 121 30.56 2.55 -16.06
CA GLY A 121 31.73 2.06 -15.36
C GLY A 121 31.74 2.61 -13.95
N GLU A 122 32.05 1.76 -12.98
CA GLU A 122 32.01 2.17 -11.58
C GLU A 122 33.08 3.21 -11.24
N LEU A 123 32.82 3.99 -10.21
CA LEU A 123 33.73 5.06 -9.78
C LEU A 123 35.08 4.53 -9.31
N GLN A 124 35.07 3.31 -8.77
CA GLN A 124 36.30 2.71 -8.26
C GLN A 124 37.29 2.40 -9.39
N ASN A 125 36.77 2.25 -10.60
CA ASN A 125 37.60 2.00 -11.77
C ASN A 125 38.22 3.28 -12.32
N TRP A 126 37.77 4.41 -11.78
CA TRP A 126 38.35 5.71 -12.11
C TRP A 126 38.57 6.51 -10.83
N PRO A 127 39.63 6.15 -10.08
CA PRO A 127 39.89 6.74 -8.76
C PRO A 127 40.50 8.14 -8.86
N ASP A 128 41.08 8.47 -10.00
CA ASP A 128 41.74 9.76 -10.17
C ASP A 128 40.79 10.84 -10.69
N LEU A 129 39.49 10.53 -10.68
CA LEU A 129 38.49 11.48 -11.18
C LEU A 129 38.10 12.51 -10.13
N LEU A 130 37.68 12.04 -8.96
CA LEU A 130 37.24 12.92 -7.88
C LEU A 130 38.27 13.97 -7.43
N PRO A 131 39.51 13.54 -7.10
CA PRO A 131 40.47 14.56 -6.66
C PRO A 131 40.88 15.52 -7.78
N LYS A 132 40.76 15.07 -9.02
CA LYS A 132 41.08 15.93 -10.16
C LYS A 132 40.02 17.00 -10.35
N LEU A 133 38.75 16.61 -10.26
CA LEU A 133 37.65 17.55 -10.45
C LEU A 133 37.64 18.65 -9.38
N CYS A 134 37.94 18.27 -8.14
CA CYS A 134 37.99 19.23 -7.04
C CYS A 134 39.09 20.26 -7.26
N SER A 135 40.18 19.83 -7.90
CA SER A 135 41.29 20.72 -8.21
C SER A 135 40.93 21.66 -9.36
N LEU A 136 39.94 21.26 -10.15
CA LEU A 136 39.50 22.08 -11.27
C LEU A 136 38.48 23.14 -10.82
N LEU A 137 38.00 23.00 -9.59
CA LEU A 137 37.09 23.98 -9.03
C LEU A 137 37.84 25.26 -8.67
N ASP A 138 39.08 25.08 -8.22
CA ASP A 138 39.92 26.21 -7.82
C ASP A 138 40.62 26.84 -9.03
N SER A 139 40.30 26.35 -10.22
CA SER A 139 40.91 26.85 -11.44
C SER A 139 40.59 28.33 -11.66
N GLU A 140 41.56 29.07 -12.17
CA GLU A 140 41.39 30.49 -12.44
C GLU A 140 40.44 30.70 -13.62
N ASP A 141 40.38 29.70 -14.49
CA ASP A 141 39.47 29.76 -15.64
C ASP A 141 38.04 29.49 -15.20
N TYR A 142 37.11 30.29 -15.71
CA TYR A 142 35.70 30.16 -15.32
C TYR A 142 35.06 28.90 -15.87
N ASN A 143 35.23 28.67 -17.17
CA ASN A 143 34.59 27.52 -17.83
C ASN A 143 35.06 26.19 -17.29
N THR A 144 36.32 26.13 -16.85
CA THR A 144 36.86 24.93 -16.24
C THR A 144 36.17 24.67 -14.92
N CYS A 145 35.90 25.74 -14.18
CA CYS A 145 35.21 25.65 -12.90
C CYS A 145 33.78 25.16 -13.06
N GLU A 146 33.07 25.72 -14.04
CA GLU A 146 31.68 25.34 -14.30
C GLU A 146 31.59 23.90 -14.81
N GLY A 147 32.50 23.53 -15.71
CA GLY A 147 32.53 22.20 -16.27
C GLY A 147 32.80 21.14 -15.21
N ALA A 148 33.62 21.49 -14.23
CA ALA A 148 33.95 20.57 -13.14
C ALA A 148 32.78 20.42 -12.17
N PHE A 149 32.11 21.52 -11.87
CA PHE A 149 30.96 21.51 -10.97
C PHE A 149 29.77 20.82 -11.62
N GLY A 150 29.55 21.09 -12.90
CA GLY A 150 28.49 20.47 -13.66
C GLY A 150 28.63 18.96 -13.67
N ALA A 151 29.86 18.49 -13.74
CA ALA A 151 30.14 17.07 -13.72
C ALA A 151 30.00 16.50 -12.31
N LEU A 152 30.50 17.23 -11.32
CA LEU A 152 30.45 16.79 -9.93
C LEU A 152 29.02 16.59 -9.44
N GLN A 153 28.13 17.51 -9.81
CA GLN A 153 26.73 17.43 -9.40
C GLN A 153 26.08 16.16 -9.93
N LYS A 154 26.31 15.86 -11.21
CA LYS A 154 25.74 14.67 -11.83
C LYS A 154 26.26 13.40 -11.17
N ILE A 155 27.52 13.41 -10.79
CA ILE A 155 28.13 12.26 -10.09
C ILE A 155 27.50 12.08 -8.71
N CYS A 156 27.28 13.18 -8.01
CA CYS A 156 26.64 13.14 -6.69
C CYS A 156 25.21 12.63 -6.78
N GLU A 157 24.52 12.98 -7.86
CA GLU A 157 23.14 12.56 -8.06
C GLU A 157 23.05 11.07 -8.41
N ASP A 158 23.94 10.63 -9.28
CA ASP A 158 23.96 9.23 -9.72
C ASP A 158 24.33 8.28 -8.59
N SER A 159 25.50 8.50 -7.99
CA SER A 159 26.00 7.61 -6.96
C SER A 159 26.11 8.32 -5.61
N ALA A 160 25.02 8.31 -4.85
CA ALA A 160 25.01 8.93 -3.53
C ALA A 160 25.50 7.96 -2.46
N GLU A 161 25.00 6.73 -2.52
CA GLU A 161 25.36 5.72 -1.54
C GLU A 161 26.80 5.25 -1.69
N ILE A 162 27.31 5.33 -2.92
CA ILE A 162 28.68 4.91 -3.22
C ILE A 162 29.70 5.85 -2.59
N LEU A 163 29.45 7.15 -2.72
CA LEU A 163 30.34 8.17 -2.16
C LEU A 163 30.29 8.14 -0.63
N ASP A 164 29.15 7.75 -0.09
CA ASP A 164 28.97 7.66 1.36
C ASP A 164 29.28 6.25 1.84
N SER A 165 30.46 5.76 1.49
CA SER A 165 30.88 4.41 1.87
C SER A 165 32.40 4.31 1.91
N ASP A 166 32.90 3.13 2.23
CA ASP A 166 34.34 2.90 2.30
C ASP A 166 34.89 2.43 0.97
N VAL A 167 34.08 2.54 -0.08
CA VAL A 167 34.48 2.11 -1.42
C VAL A 167 35.59 2.99 -1.98
N LEU A 168 35.41 4.30 -1.89
CA LEU A 168 36.39 5.25 -2.42
C LEU A 168 37.19 5.90 -1.30
N ASP A 169 37.28 5.21 -0.18
CA ASP A 169 38.03 5.67 0.99
C ASP A 169 37.49 7.00 1.52
N ARG A 170 36.16 7.10 1.60
CA ARG A 170 35.48 8.29 2.12
C ARG A 170 35.93 9.59 1.45
N PRO A 171 35.49 9.82 0.21
CA PRO A 171 35.85 11.04 -0.52
C PRO A 171 34.97 12.22 -0.14
N LEU A 172 33.90 11.95 0.61
CA LEU A 172 32.96 12.99 1.02
C LEU A 172 33.54 13.89 2.11
N ASN A 173 34.53 13.38 2.84
CA ASN A 173 35.16 14.14 3.91
C ASN A 173 36.03 15.29 3.39
N ILE A 174 36.18 15.36 2.08
CA ILE A 174 36.97 16.40 1.44
C ILE A 174 36.08 17.29 0.57
N MET A 175 35.17 16.65 -0.17
CA MET A 175 34.32 17.37 -1.12
C MET A 175 33.26 18.25 -0.44
N ILE A 176 32.56 17.70 0.54
CA ILE A 176 31.52 18.43 1.26
C ILE A 176 32.01 19.72 1.94
N PRO A 177 33.15 19.67 2.66
CA PRO A 177 33.66 20.94 3.20
C PRO A 177 34.15 21.86 2.09
N LYS A 178 34.51 21.28 0.95
CA LYS A 178 34.98 22.07 -0.20
C LYS A 178 33.83 22.75 -0.91
N PHE A 179 32.69 22.06 -1.00
CA PHE A 179 31.52 22.60 -1.67
C PHE A 179 30.95 23.81 -0.95
N LEU A 180 30.92 23.74 0.39
CA LEU A 180 30.37 24.80 1.21
C LEU A 180 31.10 26.14 1.01
N GLN A 181 32.35 26.05 0.56
CA GLN A 181 33.16 27.25 0.33
C GLN A 181 32.77 27.95 -0.97
N PHE A 182 31.93 27.30 -1.77
CA PHE A 182 31.51 27.87 -3.05
C PHE A 182 30.08 28.39 -3.02
N PHE A 183 29.51 28.49 -1.82
CA PHE A 183 28.19 29.08 -1.66
C PHE A 183 28.25 30.59 -1.85
N LYS A 184 29.46 31.15 -1.71
CA LYS A 184 29.66 32.58 -1.79
C LYS A 184 30.36 33.00 -3.08
N HIS A 185 30.21 32.17 -4.11
CA HIS A 185 30.84 32.44 -5.40
C HIS A 185 30.09 33.53 -6.16
N SER A 186 30.76 34.13 -7.14
CA SER A 186 30.17 35.22 -7.91
C SER A 186 29.07 34.73 -8.85
N SER A 187 29.39 33.76 -9.70
CA SER A 187 28.44 33.23 -10.67
C SER A 187 27.32 32.45 -10.00
N PRO A 188 26.08 32.65 -10.47
CA PRO A 188 24.90 31.96 -9.92
C PRO A 188 24.85 30.48 -10.29
N LYS A 189 25.37 30.15 -11.47
CA LYS A 189 25.41 28.75 -11.90
C LYS A 189 26.33 27.92 -11.02
N ILE A 190 27.39 28.55 -10.50
CA ILE A 190 28.32 27.86 -9.62
C ILE A 190 27.71 27.71 -8.23
N ARG A 191 27.07 28.78 -7.76
CA ARG A 191 26.41 28.75 -6.45
C ARG A 191 25.32 27.69 -6.39
N SER A 192 24.52 27.60 -7.46
CA SER A 192 23.47 26.61 -7.53
C SER A 192 24.04 25.19 -7.58
N HIS A 193 25.15 25.03 -8.29
CA HIS A 193 25.84 23.74 -8.37
C HIS A 193 26.28 23.26 -6.99
N ALA A 194 26.81 24.19 -6.19
CA ALA A 194 27.33 23.87 -4.87
C ALA A 194 26.22 23.36 -3.94
N VAL A 195 25.10 24.07 -3.91
CA VAL A 195 23.98 23.69 -3.05
C VAL A 195 23.41 22.34 -3.47
N ALA A 196 23.30 22.13 -4.78
CA ALA A 196 22.74 20.89 -5.31
C ALA A 196 23.58 19.68 -4.93
N CYS A 197 24.90 19.87 -4.86
CA CYS A 197 25.80 18.78 -4.47
C CYS A 197 25.63 18.41 -3.00
N VAL A 198 25.56 19.41 -2.13
CA VAL A 198 25.44 19.18 -0.70
C VAL A 198 24.10 18.55 -0.33
N ASN A 199 23.04 18.97 -1.04
CA ASN A 199 21.69 18.45 -0.78
C ASN A 199 21.57 16.94 -0.96
N GLN A 200 22.48 16.36 -1.71
CA GLN A 200 22.48 14.92 -1.96
C GLN A 200 22.88 14.11 -0.74
N PHE A 201 23.35 14.79 0.31
CA PHE A 201 23.86 14.11 1.49
C PHE A 201 23.23 14.63 2.78
N ILE A 202 22.03 15.17 2.67
CA ILE A 202 21.30 15.67 3.84
C ILE A 202 20.48 14.56 4.49
N ILE A 203 19.68 13.87 3.68
CA ILE A 203 18.81 12.81 4.19
C ILE A 203 19.61 11.63 4.71
N SER A 204 20.74 11.35 4.05
CA SER A 204 21.59 10.22 4.41
C SER A 204 22.38 10.45 5.69
N ARG A 205 22.28 11.67 6.23
CA ARG A 205 23.00 12.05 7.45
C ARG A 205 24.50 11.82 7.34
N THR A 206 25.07 12.27 6.22
CA THR A 206 26.50 12.11 5.96
C THR A 206 27.34 12.77 7.04
N GLN A 207 28.32 12.03 7.56
CA GLN A 207 29.17 12.48 8.64
C GLN A 207 29.88 13.80 8.32
N ALA A 208 30.32 13.92 7.06
CA ALA A 208 31.06 15.11 6.62
C ALA A 208 30.20 16.37 6.62
N LEU A 209 28.88 16.18 6.52
CA LEU A 209 27.95 17.30 6.49
C LEU A 209 27.33 17.56 7.87
N MET A 210 27.03 16.48 8.58
CA MET A 210 26.39 16.60 9.90
C MET A 210 27.27 17.30 10.93
N LEU A 211 28.59 17.14 10.80
CA LEU A 211 29.52 17.80 11.70
C LEU A 211 29.80 19.23 11.26
N HIS A 212 29.38 19.56 10.04
CA HIS A 212 29.52 20.91 9.52
C HIS A 212 28.15 21.54 9.28
N ILE A 213 27.16 21.04 10.02
CA ILE A 213 25.78 21.47 9.85
C ILE A 213 25.59 22.97 10.09
N ASP A 214 26.35 23.52 11.02
CA ASP A 214 26.26 24.94 11.35
C ASP A 214 26.78 25.81 10.20
N SER A 215 27.84 25.35 9.55
CA SER A 215 28.41 26.08 8.41
C SER A 215 27.45 26.07 7.23
N PHE A 216 26.69 24.98 7.11
CA PHE A 216 25.72 24.83 6.02
C PHE A 216 24.55 25.80 6.19
N ILE A 217 23.91 25.73 7.36
CA ILE A 217 22.74 26.55 7.65
C ILE A 217 23.04 28.05 7.56
N GLU A 218 24.23 28.44 8.03
CA GLU A 218 24.67 29.83 7.94
C GLU A 218 24.83 30.26 6.49
N ASN A 219 25.33 29.36 5.66
CA ASN A 219 25.53 29.65 4.24
C ASN A 219 24.22 29.60 3.45
N LEU A 220 23.23 28.90 3.98
CA LEU A 220 21.91 28.85 3.37
C LEU A 220 21.19 30.18 3.56
N PHE A 221 21.24 30.69 4.80
CA PHE A 221 20.60 31.96 5.13
C PHE A 221 21.20 33.12 4.36
N ALA A 222 22.47 32.96 3.98
CA ALA A 222 23.16 33.98 3.19
C ALA A 222 22.60 34.05 1.77
N LEU A 223 22.11 32.91 1.28
CA LEU A 223 21.57 32.82 -0.07
C LEU A 223 20.05 32.98 -0.10
N ALA A 224 19.48 33.39 1.03
CA ALA A 224 18.04 33.55 1.15
C ALA A 224 17.49 34.59 0.16
N GLY A 225 18.15 35.75 0.11
CA GLY A 225 17.70 36.83 -0.76
C GLY A 225 18.31 36.79 -2.15
N ASP A 226 18.50 35.60 -2.69
CA ASP A 226 19.07 35.45 -4.03
C ASP A 226 17.97 35.52 -5.09
N GLU A 227 18.22 36.29 -6.14
CA GLU A 227 17.21 36.54 -7.17
C GLU A 227 17.05 35.38 -8.15
N GLU A 228 18.10 34.57 -8.27
CA GLU A 228 18.08 33.46 -9.23
C GLU A 228 17.15 32.33 -8.79
N PRO A 229 16.22 31.94 -9.68
CA PRO A 229 15.23 30.88 -9.42
C PRO A 229 15.90 29.54 -9.12
N GLU A 230 16.92 29.20 -9.89
CA GLU A 230 17.62 27.94 -9.72
C GLU A 230 18.30 27.85 -8.36
N VAL A 231 18.75 28.99 -7.86
CA VAL A 231 19.36 29.07 -6.54
C VAL A 231 18.28 28.92 -5.46
N ARG A 232 17.16 29.62 -5.66
CA ARG A 232 16.04 29.55 -4.74
C ARG A 232 15.53 28.11 -4.60
N LYS A 233 15.44 27.42 -5.73
CA LYS A 233 14.93 26.05 -5.76
C LYS A 233 15.74 25.12 -4.87
N ASN A 234 17.06 25.19 -5.00
CA ASN A 234 17.95 24.34 -4.22
C ASN A 234 18.00 24.71 -2.74
N VAL A 235 17.86 26.00 -2.45
CA VAL A 235 17.81 26.45 -1.07
C VAL A 235 16.53 25.95 -0.40
N CYS A 236 15.42 26.01 -1.15
CA CYS A 236 14.15 25.47 -0.67
C CYS A 236 14.26 23.97 -0.43
N ARG A 237 14.85 23.26 -1.38
CA ARG A 237 15.07 21.82 -1.25
C ARG A 237 15.96 21.50 -0.06
N ALA A 238 16.91 22.37 0.22
CA ALA A 238 17.82 22.18 1.34
C ALA A 238 17.09 22.24 2.67
N LEU A 239 16.27 23.27 2.83
CA LEU A 239 15.54 23.49 4.09
C LEU A 239 14.45 22.44 4.32
N VAL A 240 13.85 21.95 3.25
CA VAL A 240 12.85 20.90 3.36
C VAL A 240 13.47 19.60 3.88
N MET A 241 14.63 19.25 3.32
CA MET A 241 15.35 18.06 3.75
C MET A 241 15.88 18.21 5.17
N LEU A 242 16.41 19.39 5.49
CA LEU A 242 16.94 19.67 6.82
C LEU A 242 15.85 19.61 7.88
N LEU A 243 14.62 19.91 7.48
CA LEU A 243 13.50 19.92 8.40
C LEU A 243 13.18 18.51 8.91
N GLU A 244 13.59 17.50 8.14
CA GLU A 244 13.27 16.12 8.45
C GLU A 244 14.36 15.44 9.27
N VAL A 245 15.61 15.86 9.08
CA VAL A 245 16.73 15.22 9.75
C VAL A 245 17.30 16.03 10.92
N ARG A 246 17.34 17.36 10.75
CA ARG A 246 17.91 18.23 11.78
C ARG A 246 16.94 19.33 12.19
N MET A 247 15.84 18.94 12.84
CA MET A 247 14.84 19.89 13.31
C MET A 247 15.42 20.81 14.38
N ASP A 248 16.29 20.26 15.23
CA ASP A 248 16.85 20.99 16.36
C ASP A 248 17.63 22.23 15.95
N ARG A 249 18.37 22.14 14.85
CA ARG A 249 19.22 23.25 14.40
C ARG A 249 18.45 24.29 13.61
N LEU A 250 17.20 23.99 13.29
CA LEU A 250 16.35 24.91 12.54
C LEU A 250 15.36 25.63 13.45
N LEU A 251 15.02 24.98 14.57
CA LEU A 251 14.03 25.50 15.50
C LEU A 251 14.24 26.94 15.98
N PRO A 252 15.48 27.31 16.36
CA PRO A 252 15.68 28.70 16.79
C PRO A 252 15.43 29.73 15.68
N HIS A 253 15.59 29.31 14.42
CA HIS A 253 15.39 30.22 13.30
C HIS A 253 14.11 29.90 12.55
N MET A 254 13.19 29.20 13.22
CA MET A 254 11.98 28.70 12.57
C MET A 254 11.08 29.79 11.97
N HIS A 255 10.80 30.82 12.76
CA HIS A 255 9.93 31.91 12.30
C HIS A 255 10.49 32.63 11.08
N ASN A 256 11.81 32.74 11.01
CA ASN A 256 12.45 33.37 9.87
C ASN A 256 12.31 32.52 8.61
N ILE A 257 12.36 31.20 8.80
CA ILE A 257 12.23 30.25 7.70
C ILE A 257 10.82 30.21 7.15
N VAL A 258 9.84 30.16 8.05
CA VAL A 258 8.43 30.09 7.67
C VAL A 258 8.02 31.28 6.81
N GLU A 259 8.42 32.48 7.23
CA GLU A 259 8.13 33.68 6.47
C GLU A 259 8.83 33.66 5.10
N TYR A 260 10.00 33.03 5.06
CA TYR A 260 10.74 32.90 3.82
C TYR A 260 10.04 31.95 2.85
N MET A 261 9.72 30.75 3.35
CA MET A 261 9.04 29.73 2.54
C MET A 261 7.68 30.20 2.06
N LEU A 262 7.02 31.04 2.85
CA LEU A 262 5.70 31.56 2.50
C LEU A 262 5.78 32.45 1.28
N GLN A 263 6.90 33.13 1.12
CA GLN A 263 7.13 34.00 -0.03
C GLN A 263 7.53 33.16 -1.25
N ARG A 264 8.18 32.03 -0.99
CA ARG A 264 8.66 31.17 -2.07
C ARG A 264 7.55 30.29 -2.62
N THR A 265 6.53 30.04 -1.81
CA THR A 265 5.37 29.26 -2.26
C THR A 265 4.57 30.10 -3.26
N GLN A 266 4.68 31.41 -3.13
CA GLN A 266 4.00 32.36 -4.01
C GLN A 266 4.92 32.87 -5.11
N ASP A 267 6.04 32.18 -5.30
CA ASP A 267 7.05 32.60 -6.29
C ASP A 267 6.48 32.52 -7.71
N GLN A 268 7.08 33.28 -8.62
CA GLN A 268 6.63 33.32 -10.01
C GLN A 268 6.82 31.97 -10.69
N ASP A 269 8.05 31.44 -10.62
CA ASP A 269 8.36 30.16 -11.22
C ASP A 269 7.66 29.04 -10.45
N GLU A 270 6.90 28.22 -11.15
CA GLU A 270 6.15 27.14 -10.52
C GLU A 270 7.09 26.07 -9.94
N ASN A 271 8.25 25.93 -10.56
CA ASN A 271 9.25 24.97 -10.09
C ASN A 271 9.78 25.31 -8.70
N VAL A 272 9.95 26.61 -8.44
CA VAL A 272 10.41 27.06 -7.14
C VAL A 272 9.28 26.97 -6.12
N ALA A 273 8.07 27.31 -6.56
CA ALA A 273 6.90 27.26 -5.69
C ALA A 273 6.58 25.83 -5.25
N LEU A 274 6.70 24.89 -6.17
CA LEU A 274 6.44 23.49 -5.88
C LEU A 274 7.40 22.94 -4.83
N GLU A 275 8.69 23.29 -4.97
CA GLU A 275 9.69 22.84 -4.01
C GLU A 275 9.51 23.54 -2.66
N ALA A 276 9.02 24.77 -2.71
CA ALA A 276 8.75 25.52 -1.50
C ALA A 276 7.51 24.97 -0.78
N CYS A 277 6.55 24.49 -1.57
CA CYS A 277 5.30 23.98 -1.02
C CYS A 277 5.51 22.69 -0.24
N GLU A 278 6.54 21.93 -0.61
CA GLU A 278 6.88 20.68 0.06
C GLU A 278 7.20 20.91 1.54
N PHE A 279 7.61 22.13 1.86
CA PHE A 279 7.97 22.50 3.22
C PHE A 279 6.78 22.36 4.16
N TRP A 280 5.62 22.85 3.73
CA TRP A 280 4.42 22.82 4.55
C TRP A 280 3.95 21.38 4.76
N LEU A 281 4.14 20.55 3.76
CA LEU A 281 3.71 19.16 3.81
C LEU A 281 4.55 18.36 4.80
N THR A 282 5.84 18.68 4.89
CA THR A 282 6.73 17.99 5.80
C THR A 282 6.65 18.57 7.22
N LEU A 283 6.43 19.88 7.30
CA LEU A 283 6.32 20.54 8.60
C LEU A 283 5.08 20.09 9.35
N ALA A 284 4.00 19.84 8.61
CA ALA A 284 2.73 19.44 9.20
C ALA A 284 2.80 18.07 9.88
N GLU A 285 3.74 17.24 9.45
CA GLU A 285 3.92 15.92 10.03
C GLU A 285 4.99 15.93 11.11
N GLN A 286 5.08 17.06 11.84
CA GLN A 286 6.04 17.20 12.92
C GLN A 286 5.31 17.57 14.21
N PRO A 287 5.77 17.00 15.35
CA PRO A 287 5.11 17.20 16.64
C PRO A 287 5.31 18.60 17.24
N ILE A 288 5.87 19.51 16.46
CA ILE A 288 6.08 20.88 16.91
C ILE A 288 5.40 21.88 15.98
N CYS A 289 4.62 21.37 15.05
CA CYS A 289 3.98 22.21 14.03
C CYS A 289 2.86 23.07 14.58
N LYS A 290 2.03 22.49 15.44
CA LYS A 290 0.83 23.15 15.95
C LYS A 290 1.14 24.43 16.70
N ASP A 291 2.35 24.52 17.25
CA ASP A 291 2.74 25.67 18.07
C ASP A 291 3.43 26.76 17.27
N VAL A 292 4.32 26.37 16.37
CA VAL A 292 5.15 27.33 15.66
C VAL A 292 4.50 27.87 14.39
N LEU A 293 3.45 27.19 13.91
CA LEU A 293 2.81 27.56 12.65
C LEU A 293 1.49 28.29 12.89
N VAL A 294 0.99 28.22 14.12
CA VAL A 294 -0.30 28.81 14.46
C VAL A 294 -0.32 30.32 14.24
N ARG A 295 0.84 30.95 14.28
CA ARG A 295 0.95 32.39 14.08
C ARG A 295 0.97 32.75 12.60
N HIS A 296 1.03 31.72 11.75
CA HIS A 296 1.16 31.93 10.31
C HIS A 296 -0.02 31.37 9.52
N LEU A 297 -0.87 30.61 10.20
CA LEU A 297 -2.07 30.02 9.58
C LEU A 297 -2.96 31.00 8.79
N PRO A 298 -3.23 32.20 9.34
CA PRO A 298 -4.05 33.13 8.55
C PRO A 298 -3.42 33.52 7.21
N LYS A 299 -2.11 33.42 7.11
CA LYS A 299 -1.42 33.79 5.88
C LYS A 299 -1.09 32.58 5.00
N LEU A 300 -1.00 31.41 5.63
CA LEU A 300 -0.66 30.18 4.93
C LEU A 300 -1.85 29.60 4.16
N ILE A 301 -3.00 29.56 4.82
CA ILE A 301 -4.22 28.97 4.24
C ILE A 301 -4.63 29.53 2.86
N PRO A 302 -4.71 30.87 2.72
CA PRO A 302 -5.10 31.36 1.39
C PRO A 302 -4.07 31.05 0.30
N VAL A 303 -2.81 30.93 0.68
CA VAL A 303 -1.75 30.59 -0.27
C VAL A 303 -1.96 29.18 -0.82
N LEU A 304 -2.22 28.24 0.08
CA LEU A 304 -2.47 26.85 -0.32
C LEU A 304 -3.72 26.73 -1.17
N VAL A 305 -4.80 27.36 -0.74
CA VAL A 305 -6.07 27.33 -1.46
C VAL A 305 -5.93 27.91 -2.87
N ASN A 306 -5.19 29.01 -2.99
CA ASN A 306 -4.98 29.65 -4.27
C ASN A 306 -4.16 28.78 -5.22
N GLY A 307 -3.29 27.97 -4.67
CA GLY A 307 -2.43 27.10 -5.47
C GLY A 307 -3.11 25.80 -5.86
N MET A 308 -4.32 25.60 -5.38
CA MET A 308 -5.08 24.37 -5.66
C MET A 308 -5.91 24.47 -6.93
N LYS A 309 -5.93 25.65 -7.54
CA LYS A 309 -6.64 25.86 -8.80
C LYS A 309 -5.86 25.23 -9.95
N TYR A 310 -6.60 24.74 -10.95
CA TYR A 310 -5.97 24.24 -12.17
C TYR A 310 -5.33 25.39 -12.94
N SER A 311 -4.10 25.18 -13.39
CA SER A 311 -3.44 26.17 -14.23
C SER A 311 -3.96 26.06 -15.66
N ASP A 312 -3.78 27.13 -16.43
CA ASP A 312 -4.28 27.18 -17.80
C ASP A 312 -3.66 26.08 -18.67
N ILE A 313 -2.46 25.65 -18.28
CA ILE A 313 -1.74 24.61 -19.01
C ILE A 313 -2.28 23.22 -18.66
N ASP A 314 -2.75 23.07 -17.42
CA ASP A 314 -3.31 21.79 -16.97
C ASP A 314 -4.65 21.48 -17.60
N ILE A 315 -5.47 22.51 -17.78
CA ILE A 315 -6.82 22.35 -18.30
C ILE A 315 -6.85 21.74 -19.70
N ILE A 316 -5.94 22.19 -20.55
CA ILE A 316 -5.87 21.71 -21.93
C ILE A 316 -5.37 20.26 -21.99
N LEU A 317 -4.42 19.91 -21.13
CA LEU A 317 -3.86 18.57 -21.10
C LEU A 317 -4.88 17.53 -20.61
N LEU A 318 -5.87 17.98 -19.85
CA LEU A 318 -6.88 17.09 -19.31
C LEU A 318 -8.03 16.87 -20.30
N LYS A 319 -8.52 17.96 -20.88
CA LYS A 319 -9.60 17.88 -21.87
C LYS A 319 -9.13 17.17 -23.13
N GLY A 320 -9.78 16.06 -23.46
CA GLY A 320 -9.44 15.28 -24.63
C GLY A 320 -8.62 14.05 -24.29
N ASP A 344 -1.37 8.78 -16.92
CA ASP A 344 -2.28 9.87 -17.26
C ASP A 344 -1.62 10.86 -18.21
N THR A 345 -2.32 11.95 -18.51
CA THR A 345 -1.81 12.96 -19.43
C THR A 345 -1.22 14.15 -18.68
N ILE A 346 -1.21 14.08 -17.36
CA ILE A 346 -0.66 15.14 -16.53
C ILE A 346 0.40 14.58 -15.59
N SER A 347 1.22 15.46 -15.02
CA SER A 347 2.26 15.05 -14.08
C SER A 347 1.68 14.39 -12.84
N ASP A 348 2.41 13.44 -12.29
CA ASP A 348 1.97 12.71 -11.11
C ASP A 348 2.04 13.58 -9.85
N TRP A 349 2.76 14.69 -9.95
CA TRP A 349 2.93 15.58 -8.81
C TRP A 349 3.15 17.02 -9.27
N ASN A 350 2.36 17.94 -8.71
CA ASN A 350 2.47 19.35 -9.04
C ASN A 350 2.06 20.24 -7.88
N LEU A 351 1.95 21.54 -8.14
CA LEU A 351 1.62 22.52 -7.11
C LEU A 351 0.22 22.30 -6.55
N ARG A 352 -0.70 21.89 -7.41
CA ARG A 352 -2.08 21.62 -7.03
C ARG A 352 -2.17 20.50 -6.00
N LYS A 353 -1.65 19.33 -6.37
CA LYS A 353 -1.69 18.16 -5.50
C LYS A 353 -0.93 18.37 -4.20
N CYS A 354 0.17 19.12 -4.28
CA CYS A 354 1.00 19.36 -3.10
C CYS A 354 0.29 20.28 -2.10
N SER A 355 -0.33 21.34 -2.62
CA SER A 355 -1.07 22.27 -1.78
C SER A 355 -2.27 21.58 -1.14
N ALA A 356 -2.92 20.71 -1.91
CA ALA A 356 -4.07 19.97 -1.42
C ALA A 356 -3.67 18.96 -0.35
N ALA A 357 -2.53 18.31 -0.54
CA ALA A 357 -2.02 17.36 0.43
C ALA A 357 -1.67 18.05 1.73
N ALA A 358 -1.06 19.23 1.63
CA ALA A 358 -0.69 20.01 2.80
C ALA A 358 -1.93 20.47 3.56
N LEU A 359 -2.95 20.89 2.83
CA LEU A 359 -4.19 21.36 3.44
C LEU A 359 -4.91 20.23 4.17
N ASP A 360 -4.75 19.01 3.66
CA ASP A 360 -5.38 17.85 4.29
C ASP A 360 -4.77 17.54 5.64
N VAL A 361 -3.45 17.42 5.69
CA VAL A 361 -2.77 17.11 6.96
C VAL A 361 -2.89 18.26 7.97
N LEU A 362 -2.92 19.50 7.47
CA LEU A 362 -3.12 20.65 8.34
C LEU A 362 -4.49 20.61 8.98
N ALA A 363 -5.48 20.11 8.24
CA ALA A 363 -6.83 19.98 8.75
C ALA A 363 -6.90 18.92 9.84
N ASN A 364 -6.00 17.94 9.78
CA ASN A 364 -5.93 16.90 10.79
C ASN A 364 -5.16 17.31 12.04
N VAL A 365 -4.39 18.39 11.91
CA VAL A 365 -3.59 18.89 13.03
C VAL A 365 -4.39 19.86 13.89
N TYR A 366 -4.94 20.90 13.26
CA TYR A 366 -5.65 21.95 13.97
C TYR A 366 -7.14 21.65 14.11
N ARG A 367 -7.61 20.65 13.37
CA ARG A 367 -9.02 20.26 13.39
C ARG A 367 -9.96 21.43 13.10
N ASP A 368 -10.77 21.80 14.08
CA ASP A 368 -11.77 22.84 13.90
C ASP A 368 -11.17 24.25 13.96
N GLU A 369 -9.91 24.34 14.39
CA GLU A 369 -9.24 25.64 14.51
C GLU A 369 -8.86 26.20 13.15
N LEU A 370 -9.08 25.41 12.10
CA LEU A 370 -8.74 25.81 10.74
C LEU A 370 -9.95 26.42 10.04
N LEU A 371 -11.12 26.20 10.61
CA LEU A 371 -12.38 26.66 10.02
C LEU A 371 -12.54 28.17 9.80
N PRO A 372 -12.15 29.01 10.79
CA PRO A 372 -12.33 30.45 10.57
C PRO A 372 -11.52 31.00 9.39
N HIS A 373 -10.48 30.27 8.99
CA HIS A 373 -9.62 30.72 7.89
C HIS A 373 -10.06 30.16 6.55
N ILE A 374 -10.85 29.09 6.57
CA ILE A 374 -11.26 28.42 5.34
C ILE A 374 -12.72 28.68 4.97
N LEU A 375 -13.60 28.67 5.96
CA LEU A 375 -15.04 28.87 5.74
C LEU A 375 -15.42 30.10 4.90
N PRO A 376 -14.84 31.29 5.21
CA PRO A 376 -15.19 32.43 4.37
C PRO A 376 -14.67 32.31 2.93
N LEU A 377 -13.59 31.57 2.74
CA LEU A 377 -13.03 31.36 1.41
C LEU A 377 -13.93 30.43 0.59
N LEU A 378 -14.39 29.36 1.22
CA LEU A 378 -15.26 28.39 0.58
C LEU A 378 -16.54 29.01 0.05
N LYS A 379 -17.16 29.86 0.86
CA LYS A 379 -18.44 30.46 0.52
C LYS A 379 -18.38 31.34 -0.74
N GLU A 380 -17.16 31.72 -1.13
CA GLU A 380 -16.97 32.47 -2.36
C GLU A 380 -16.54 31.56 -3.51
N LEU A 381 -15.80 30.52 -3.17
CA LEU A 381 -15.30 29.58 -4.16
C LEU A 381 -16.40 28.66 -4.68
N LEU A 382 -17.17 28.10 -3.75
CA LEU A 382 -18.19 27.10 -4.11
C LEU A 382 -19.29 27.66 -5.00
N PHE A 383 -19.58 28.95 -4.86
CA PHE A 383 -20.65 29.58 -5.62
C PHE A 383 -20.11 30.61 -6.61
N HIS A 384 -18.91 30.36 -7.11
CA HIS A 384 -18.29 31.26 -8.08
C HIS A 384 -18.72 30.89 -9.50
N HIS A 385 -18.73 31.88 -10.39
CA HIS A 385 -19.20 31.68 -11.76
C HIS A 385 -18.19 30.94 -12.64
N GLU A 386 -16.91 31.29 -12.49
CA GLU A 386 -15.85 30.61 -13.22
C GLU A 386 -15.66 29.20 -12.67
N TRP A 387 -15.86 28.20 -13.54
CA TRP A 387 -15.82 26.81 -13.12
C TRP A 387 -14.46 26.39 -12.54
N VAL A 388 -13.39 27.00 -13.04
CA VAL A 388 -12.05 26.72 -12.55
C VAL A 388 -11.94 27.11 -11.08
N VAL A 389 -12.48 28.28 -10.75
CA VAL A 389 -12.48 28.77 -9.38
C VAL A 389 -13.39 27.93 -8.51
N LYS A 390 -14.54 27.54 -9.06
CA LYS A 390 -15.51 26.74 -8.32
C LYS A 390 -14.98 25.34 -8.06
N GLU A 391 -14.29 24.77 -9.04
CA GLU A 391 -13.74 23.43 -8.93
C GLU A 391 -12.73 23.36 -7.78
N SER A 392 -11.93 24.41 -7.64
CA SER A 392 -10.91 24.46 -6.59
C SER A 392 -11.55 24.46 -5.21
N GLY A 393 -12.66 25.18 -5.06
CA GLY A 393 -13.38 25.24 -3.80
C GLY A 393 -13.93 23.89 -3.39
N ILE A 394 -14.44 23.15 -4.36
CA ILE A 394 -14.96 21.81 -4.10
C ILE A 394 -13.85 20.89 -3.61
N LEU A 395 -12.68 21.03 -4.22
CA LEU A 395 -11.50 20.26 -3.81
C LEU A 395 -11.10 20.58 -2.37
N VAL A 396 -11.14 21.87 -2.03
CA VAL A 396 -10.82 22.31 -0.68
C VAL A 396 -11.79 21.69 0.33
N LEU A 397 -13.07 21.70 -0.03
CA LEU A 397 -14.12 21.19 0.84
C LEU A 397 -13.93 19.70 1.15
N GLY A 398 -13.38 18.96 0.20
CA GLY A 398 -13.13 17.55 0.37
C GLY A 398 -11.83 17.27 1.10
N ALA A 399 -10.85 18.16 0.92
CA ALA A 399 -9.53 18.00 1.53
C ALA A 399 -9.58 18.17 3.05
N ILE A 400 -10.44 19.06 3.52
CA ILE A 400 -10.52 19.33 4.95
C ILE A 400 -11.60 18.50 5.64
N ALA A 401 -12.16 17.54 4.89
CA ALA A 401 -13.26 16.72 5.40
C ALA A 401 -12.86 15.88 6.61
N GLU A 402 -11.78 15.12 6.48
CA GLU A 402 -11.34 14.20 7.53
C GLU A 402 -11.07 14.91 8.85
N GLY A 403 -10.35 16.03 8.79
CA GLY A 403 -9.98 16.76 9.99
C GLY A 403 -11.09 17.62 10.55
N CYS A 404 -11.65 18.48 9.71
CA CYS A 404 -12.67 19.43 10.15
C CYS A 404 -14.08 18.85 10.05
N MET A 405 -14.21 17.54 10.28
CA MET A 405 -15.51 16.87 10.13
C MET A 405 -16.56 17.39 11.10
N GLN A 406 -16.24 17.37 12.39
CA GLN A 406 -17.20 17.76 13.42
C GLN A 406 -17.59 19.23 13.32
N GLY A 407 -16.76 20.02 12.67
CA GLY A 407 -17.02 21.45 12.53
C GLY A 407 -17.77 21.82 11.27
N MET A 408 -17.74 20.94 10.28
CA MET A 408 -18.45 21.19 9.02
C MET A 408 -19.90 20.79 9.10
N ILE A 409 -20.26 20.07 10.16
CA ILE A 409 -21.62 19.56 10.36
C ILE A 409 -22.75 20.59 10.19
N PRO A 410 -22.62 21.79 10.81
CA PRO A 410 -23.72 22.77 10.65
C PRO A 410 -23.89 23.27 9.22
N TYR A 411 -22.88 23.09 8.38
CA TYR A 411 -22.92 23.63 7.02
C TYR A 411 -23.28 22.57 5.98
N LEU A 412 -23.23 21.31 6.40
CA LEU A 412 -23.54 20.19 5.50
C LEU A 412 -24.97 20.15 4.93
N PRO A 413 -25.99 20.50 5.74
CA PRO A 413 -27.34 20.54 5.15
C PRO A 413 -27.49 21.53 3.99
N GLU A 414 -26.55 22.46 3.85
CA GLU A 414 -26.57 23.41 2.75
C GLU A 414 -25.64 22.95 1.62
N LEU A 415 -24.45 22.49 2.00
CA LEU A 415 -23.42 22.13 1.04
C LEU A 415 -23.71 20.85 0.27
N ILE A 416 -24.14 19.81 0.97
CA ILE A 416 -24.44 18.53 0.35
C ILE A 416 -25.48 18.59 -0.80
N PRO A 417 -26.62 19.27 -0.57
CA PRO A 417 -27.56 19.39 -1.70
C PRO A 417 -26.97 20.19 -2.86
N HIS A 418 -26.14 21.18 -2.55
CA HIS A 418 -25.48 21.97 -3.59
C HIS A 418 -24.52 21.10 -4.40
N LEU A 419 -23.78 20.23 -3.70
CA LEU A 419 -22.84 19.34 -4.35
C LEU A 419 -23.55 18.35 -5.27
N ILE A 420 -24.68 17.82 -4.82
CA ILE A 420 -25.47 16.91 -5.65
C ILE A 420 -25.89 17.58 -6.95
N GLN A 421 -26.19 18.87 -6.87
CA GLN A 421 -26.50 19.66 -8.06
C GLN A 421 -25.27 19.77 -8.96
N CYS A 422 -24.09 19.83 -8.34
CA CYS A 422 -22.83 19.97 -9.08
C CYS A 422 -22.43 18.68 -9.79
N LEU A 423 -23.12 17.59 -9.49
CA LEU A 423 -22.86 16.33 -10.17
C LEU A 423 -23.33 16.38 -11.63
N SER A 424 -24.18 17.36 -11.94
CA SER A 424 -24.71 17.50 -13.29
C SER A 424 -24.25 18.81 -13.94
N ASP A 425 -23.05 19.25 -13.58
CA ASP A 425 -22.49 20.48 -14.13
C ASP A 425 -22.05 20.26 -15.59
N LYS A 426 -21.92 21.34 -16.33
CA LYS A 426 -21.53 21.28 -17.73
C LYS A 426 -20.09 20.80 -17.92
N LYS A 427 -19.18 21.28 -17.06
CA LYS A 427 -17.77 20.91 -17.13
C LYS A 427 -17.51 19.56 -16.46
N ALA A 428 -16.78 18.69 -17.15
CA ALA A 428 -16.48 17.35 -16.65
C ALA A 428 -15.59 17.38 -15.39
N LEU A 429 -14.63 18.29 -15.38
CA LEU A 429 -13.69 18.38 -14.26
C LEU A 429 -14.39 18.80 -12.96
N VAL A 430 -15.53 19.45 -13.09
CA VAL A 430 -16.32 19.84 -11.93
C VAL A 430 -17.12 18.64 -11.42
N ARG A 431 -17.58 17.81 -12.36
CA ARG A 431 -18.34 16.62 -12.01
C ARG A 431 -17.51 15.58 -11.27
N SER A 432 -16.30 15.34 -11.76
CA SER A 432 -15.43 14.30 -11.20
C SER A 432 -14.97 14.63 -9.77
N ILE A 433 -14.58 15.88 -9.55
CA ILE A 433 -14.11 16.29 -8.23
C ILE A 433 -15.25 16.30 -7.22
N THR A 434 -16.47 16.51 -7.70
CA THR A 434 -17.65 16.56 -6.84
C THR A 434 -17.96 15.17 -6.31
N CYS A 435 -17.72 14.16 -7.13
CA CYS A 435 -17.88 12.77 -6.72
C CYS A 435 -16.99 12.47 -5.52
N TRP A 436 -15.72 12.82 -5.65
CA TRP A 436 -14.75 12.56 -4.59
C TRP A 436 -15.11 13.30 -3.29
N THR A 437 -15.44 14.58 -3.42
CA THR A 437 -15.78 15.40 -2.27
C THR A 437 -17.01 14.88 -1.54
N LEU A 438 -17.98 14.38 -2.29
CA LEU A 438 -19.18 13.81 -1.70
C LEU A 438 -18.87 12.54 -0.92
N SER A 439 -17.96 11.73 -1.46
CA SER A 439 -17.56 10.48 -0.81
C SER A 439 -16.79 10.75 0.48
N ARG A 440 -16.26 11.97 0.62
CA ARG A 440 -15.53 12.36 1.82
C ARG A 440 -16.49 12.62 2.98
N TYR A 441 -17.73 12.97 2.65
CA TYR A 441 -18.75 13.22 3.66
C TYR A 441 -19.83 12.13 3.60
N ALA A 442 -19.43 10.94 3.17
CA ALA A 442 -20.35 9.82 3.01
C ALA A 442 -20.95 9.36 4.34
N HIS A 443 -20.14 9.40 5.39
CA HIS A 443 -20.57 8.93 6.71
C HIS A 443 -21.72 9.77 7.27
N TRP A 444 -21.62 11.08 7.12
CA TRP A 444 -22.65 11.99 7.63
C TRP A 444 -23.96 11.80 6.89
N VAL A 445 -23.88 11.53 5.59
CA VAL A 445 -25.06 11.33 4.77
C VAL A 445 -25.86 10.11 5.23
N VAL A 446 -25.16 9.04 5.56
CA VAL A 446 -25.79 7.80 6.01
C VAL A 446 -26.50 7.97 7.36
N SER A 447 -25.91 8.78 8.23
CA SER A 447 -26.47 9.02 9.56
C SER A 447 -27.78 9.80 9.48
N GLN A 448 -27.95 10.56 8.41
CA GLN A 448 -29.18 11.33 8.20
C GLN A 448 -30.24 10.44 7.54
N PRO A 449 -31.53 10.85 7.63
CA PRO A 449 -32.59 10.11 6.94
C PRO A 449 -32.31 9.95 5.45
N PRO A 450 -32.43 8.72 4.93
CA PRO A 450 -32.05 8.36 3.55
C PRO A 450 -32.85 9.06 2.47
N ASP A 451 -34.03 9.57 2.80
CA ASP A 451 -34.88 10.22 1.80
C ASP A 451 -34.42 11.64 1.49
N THR A 452 -33.63 12.21 2.40
CA THR A 452 -33.19 13.60 2.26
C THR A 452 -31.87 13.72 1.47
N TYR A 453 -30.83 13.04 1.94
CA TYR A 453 -29.52 13.16 1.32
C TYR A 453 -29.08 11.90 0.57
N LEU A 454 -29.28 10.74 1.19
CA LEU A 454 -28.78 9.49 0.62
C LEU A 454 -29.40 9.13 -0.72
N LYS A 455 -30.72 9.20 -0.82
CA LYS A 455 -31.43 8.84 -2.05
C LYS A 455 -31.03 9.66 -3.30
N PRO A 456 -31.04 11.01 -3.19
CA PRO A 456 -30.63 11.74 -4.40
C PRO A 456 -29.14 11.58 -4.71
N LEU A 457 -28.32 11.40 -3.68
CA LEU A 457 -26.90 11.20 -3.86
C LEU A 457 -26.62 9.90 -4.62
N MET A 458 -27.31 8.85 -4.23
CA MET A 458 -27.13 7.53 -4.84
C MET A 458 -27.66 7.52 -6.26
N THR A 459 -28.79 8.18 -6.48
CA THR A 459 -29.41 8.25 -7.80
C THR A 459 -28.53 9.01 -8.77
N GLU A 460 -27.94 10.10 -8.31
CA GLU A 460 -27.10 10.94 -9.16
C GLU A 460 -25.72 10.33 -9.40
N LEU A 461 -25.22 9.57 -8.44
CA LEU A 461 -23.95 8.89 -8.58
C LEU A 461 -24.02 7.79 -9.64
N LEU A 462 -25.10 7.03 -9.63
CA LEU A 462 -25.32 5.98 -10.61
C LEU A 462 -25.39 6.55 -12.02
N LYS A 463 -25.89 7.77 -12.13
CA LYS A 463 -25.92 8.47 -13.42
C LYS A 463 -24.51 8.78 -13.89
N ARG A 464 -23.68 9.29 -12.99
CA ARG A 464 -22.32 9.67 -13.33
C ARG A 464 -21.40 8.48 -13.59
N ILE A 465 -21.83 7.29 -13.16
CA ILE A 465 -21.09 6.07 -13.45
C ILE A 465 -21.16 5.80 -14.95
N LEU A 466 -22.29 6.10 -15.56
CA LEU A 466 -22.48 5.92 -16.99
C LEU A 466 -22.19 7.21 -17.77
N ASP A 467 -21.31 8.04 -17.22
CA ASP A 467 -20.94 9.30 -17.85
C ASP A 467 -20.18 9.06 -19.15
N SER A 468 -20.14 10.07 -20.01
CA SER A 468 -19.43 9.96 -21.28
C SER A 468 -17.92 10.16 -21.07
N ASN A 469 -17.57 11.00 -20.11
CA ASN A 469 -16.18 11.28 -19.81
C ASN A 469 -15.54 10.19 -18.94
N LYS A 470 -14.39 9.70 -19.37
CA LYS A 470 -13.72 8.59 -18.69
C LYS A 470 -13.32 8.90 -17.25
N ARG A 471 -12.85 10.13 -17.02
CA ARG A 471 -12.42 10.53 -15.68
C ARG A 471 -13.58 10.59 -14.71
N VAL A 472 -14.72 11.09 -15.17
CA VAL A 472 -15.91 11.16 -14.34
C VAL A 472 -16.42 9.75 -14.00
N GLN A 473 -16.28 8.84 -14.95
CA GLN A 473 -16.65 7.45 -14.74
C GLN A 473 -15.85 6.85 -13.58
N GLU A 474 -14.55 7.10 -13.59
CA GLU A 474 -13.67 6.61 -12.53
C GLU A 474 -14.02 7.23 -11.18
N ALA A 475 -14.26 8.53 -11.19
CA ALA A 475 -14.57 9.26 -9.96
C ALA A 475 -15.87 8.78 -9.33
N ALA A 476 -16.91 8.65 -10.15
CA ALA A 476 -18.22 8.22 -9.67
C ALA A 476 -18.18 6.79 -9.15
N CYS A 477 -17.47 5.92 -9.87
CA CYS A 477 -17.40 4.51 -9.50
C CYS A 477 -16.58 4.33 -8.22
N SER A 478 -15.58 5.18 -8.02
CA SER A 478 -14.79 5.17 -6.80
C SER A 478 -15.58 5.74 -5.64
N ALA A 479 -16.31 6.81 -5.90
CA ALA A 479 -17.11 7.47 -4.88
C ALA A 479 -18.25 6.58 -4.42
N PHE A 480 -18.84 5.86 -5.36
CA PHE A 480 -19.95 4.97 -5.05
C PHE A 480 -19.49 3.80 -4.20
N ALA A 481 -18.29 3.31 -4.48
CA ALA A 481 -17.68 2.23 -3.70
C ALA A 481 -17.48 2.65 -2.25
N THR A 482 -17.04 3.89 -2.06
CA THR A 482 -16.84 4.45 -0.72
C THR A 482 -18.17 4.57 0.01
N LEU A 483 -19.19 5.01 -0.72
CA LEU A 483 -20.53 5.17 -0.16
C LEU A 483 -21.12 3.83 0.26
N GLU A 484 -20.74 2.77 -0.45
CA GLU A 484 -21.23 1.43 -0.15
C GLU A 484 -20.76 0.90 1.21
N GLU A 485 -19.53 1.26 1.59
CA GLU A 485 -18.98 0.81 2.86
C GLU A 485 -19.69 1.46 4.04
N GLU A 486 -20.25 2.64 3.80
CA GLU A 486 -20.92 3.39 4.86
C GLU A 486 -22.40 3.04 4.93
N ALA A 487 -23.02 2.82 3.77
CA ALA A 487 -24.44 2.52 3.70
C ALA A 487 -24.76 1.12 4.20
N CYS A 488 -23.99 0.15 3.73
CA CYS A 488 -24.17 -1.26 4.07
C CYS A 488 -25.58 -1.75 3.76
N THR A 489 -26.37 -2.00 4.80
CA THR A 489 -27.71 -2.56 4.63
C THR A 489 -28.71 -1.54 4.08
N GLU A 490 -28.30 -0.28 3.99
CA GLU A 490 -29.17 0.77 3.48
C GLU A 490 -29.26 0.73 1.95
N LEU A 491 -28.43 -0.11 1.34
CA LEU A 491 -28.40 -0.22 -0.11
C LEU A 491 -29.47 -1.16 -0.64
N VAL A 492 -30.01 -2.00 0.24
CA VAL A 492 -31.01 -3.01 -0.14
C VAL A 492 -32.20 -2.48 -0.94
N PRO A 493 -32.85 -1.37 -0.50
CA PRO A 493 -33.98 -0.89 -1.29
C PRO A 493 -33.61 -0.35 -2.67
N TYR A 494 -32.32 -0.20 -2.94
CA TYR A 494 -31.85 0.33 -4.22
C TYR A 494 -31.09 -0.73 -5.01
N LEU A 495 -31.04 -1.94 -4.48
CA LEU A 495 -30.23 -3.02 -5.05
C LEU A 495 -30.56 -3.34 -6.50
N ALA A 496 -31.82 -3.16 -6.87
CA ALA A 496 -32.25 -3.42 -8.24
C ALA A 496 -31.63 -2.42 -9.22
N TYR A 497 -31.72 -1.14 -8.87
CA TYR A 497 -31.16 -0.08 -9.72
C TYR A 497 -29.64 -0.16 -9.77
N ILE A 498 -29.02 -0.41 -8.61
CA ILE A 498 -27.56 -0.47 -8.51
C ILE A 498 -26.96 -1.53 -9.43
N LEU A 499 -27.51 -2.74 -9.37
CA LEU A 499 -27.01 -3.85 -10.19
C LEU A 499 -27.17 -3.57 -11.69
N ASP A 500 -28.26 -2.91 -12.06
CA ASP A 500 -28.49 -2.56 -13.46
C ASP A 500 -27.40 -1.62 -13.97
N THR A 501 -27.04 -0.65 -13.14
CA THR A 501 -26.02 0.34 -13.50
C THR A 501 -24.65 -0.31 -13.61
N LEU A 502 -24.30 -1.13 -12.62
CA LEU A 502 -22.99 -1.77 -12.58
C LEU A 502 -22.77 -2.77 -13.70
N VAL A 503 -23.79 -3.59 -13.98
CA VAL A 503 -23.69 -4.59 -15.04
C VAL A 503 -23.54 -3.93 -16.42
N PHE A 504 -24.31 -2.88 -16.66
CA PHE A 504 -24.28 -2.16 -17.93
C PHE A 504 -22.92 -1.50 -18.17
N ALA A 505 -22.22 -1.20 -17.09
CA ALA A 505 -20.93 -0.52 -17.18
C ALA A 505 -19.84 -1.38 -17.79
N PHE A 506 -20.06 -2.69 -17.83
CA PHE A 506 -19.11 -3.63 -18.42
C PHE A 506 -18.86 -3.34 -19.90
N SER A 507 -19.89 -2.93 -20.60
CA SER A 507 -19.79 -2.66 -22.04
C SER A 507 -19.10 -1.33 -22.33
N LYS A 508 -19.09 -0.45 -21.34
CA LYS A 508 -18.47 0.86 -21.51
C LYS A 508 -17.05 0.90 -20.94
N TYR A 509 -16.86 0.27 -19.78
CA TYR A 509 -15.60 0.34 -19.07
C TYR A 509 -14.48 -0.50 -19.70
N GLN A 510 -13.32 0.13 -19.87
CA GLN A 510 -12.12 -0.55 -20.33
C GLN A 510 -10.91 0.00 -19.58
N HIS A 511 -9.83 -0.78 -19.56
CA HIS A 511 -8.58 -0.38 -18.93
C HIS A 511 -8.74 -0.03 -17.45
N LYS A 512 -8.34 1.19 -17.09
CA LYS A 512 -8.38 1.63 -15.70
C LYS A 512 -9.80 1.71 -15.15
N ASN A 513 -10.76 1.98 -16.03
CA ASN A 513 -12.15 2.11 -15.62
C ASN A 513 -12.76 0.78 -15.19
N LEU A 514 -12.23 -0.31 -15.73
CA LEU A 514 -12.77 -1.64 -15.48
C LEU A 514 -12.40 -2.19 -14.11
N LEU A 515 -11.18 -1.90 -13.67
CA LEU A 515 -10.69 -2.39 -12.38
C LEU A 515 -11.49 -1.82 -11.21
N ILE A 516 -11.80 -0.52 -11.29
CA ILE A 516 -12.57 0.16 -10.25
C ILE A 516 -13.99 -0.40 -10.18
N LEU A 517 -14.49 -0.89 -11.31
CA LEU A 517 -15.82 -1.47 -11.37
C LEU A 517 -15.93 -2.74 -10.54
N TYR A 518 -14.87 -3.55 -10.56
CA TYR A 518 -14.83 -4.77 -9.76
C TYR A 518 -14.94 -4.44 -8.27
N ASP A 519 -14.27 -3.36 -7.86
CA ASP A 519 -14.29 -2.92 -6.48
C ASP A 519 -15.70 -2.50 -6.06
N ALA A 520 -16.41 -1.84 -6.97
CA ALA A 520 -17.77 -1.39 -6.71
C ALA A 520 -18.71 -2.57 -6.53
N ILE A 521 -18.45 -3.65 -7.28
CA ILE A 521 -19.30 -4.84 -7.22
C ILE A 521 -19.01 -5.66 -5.97
N GLY A 522 -17.73 -5.88 -5.68
CA GLY A 522 -17.34 -6.65 -4.50
C GLY A 522 -17.76 -5.99 -3.21
N THR A 523 -17.60 -4.67 -3.14
CA THR A 523 -17.99 -3.90 -1.95
C THR A 523 -19.49 -3.98 -1.73
N LEU A 524 -20.24 -4.02 -2.82
CA LEU A 524 -21.69 -4.17 -2.76
C LEU A 524 -22.07 -5.49 -2.10
N ALA A 525 -21.37 -6.56 -2.47
CA ALA A 525 -21.64 -7.89 -1.94
C ALA A 525 -21.34 -7.95 -0.44
N ASP A 526 -20.32 -7.22 -0.01
CA ASP A 526 -19.94 -7.18 1.41
C ASP A 526 -20.87 -6.27 2.19
N SER A 527 -21.76 -5.59 1.49
CA SER A 527 -22.66 -4.62 2.12
C SER A 527 -24.09 -5.13 2.25
N VAL A 528 -24.60 -5.73 1.18
CA VAL A 528 -25.98 -6.23 1.18
C VAL A 528 -26.05 -7.66 1.74
N GLY A 529 -24.91 -8.34 1.75
CA GLY A 529 -24.83 -9.69 2.28
C GLY A 529 -25.67 -10.69 1.52
N HIS A 530 -26.54 -11.40 2.25
CA HIS A 530 -27.37 -12.45 1.65
C HIS A 530 -28.52 -11.89 0.81
N HIS A 531 -28.73 -10.58 0.88
CA HIS A 531 -29.78 -9.93 0.10
C HIS A 531 -29.50 -10.02 -1.40
N LEU A 532 -28.25 -10.24 -1.74
CA LEU A 532 -27.84 -10.35 -3.14
C LEU A 532 -28.30 -11.68 -3.73
N ASN A 533 -28.51 -12.67 -2.87
CA ASN A 533 -28.91 -14.00 -3.31
C ASN A 533 -30.35 -14.07 -3.82
N LYS A 534 -30.54 -13.64 -5.05
CA LYS A 534 -31.85 -13.73 -5.71
C LYS A 534 -31.66 -14.05 -7.19
N PRO A 535 -32.55 -14.91 -7.74
CA PRO A 535 -32.48 -15.42 -9.12
C PRO A 535 -32.30 -14.32 -10.18
N GLU A 536 -33.01 -13.21 -10.02
CA GLU A 536 -32.93 -12.13 -11.01
C GLU A 536 -31.64 -11.34 -10.90
N TYR A 537 -31.08 -11.29 -9.69
CA TYR A 537 -29.81 -10.61 -9.46
C TYR A 537 -28.64 -11.43 -10.02
N ILE A 538 -28.65 -12.72 -9.70
CA ILE A 538 -27.61 -13.63 -10.14
C ILE A 538 -27.58 -13.75 -11.66
N GLN A 539 -28.76 -13.65 -12.28
CA GLN A 539 -28.88 -13.78 -13.72
C GLN A 539 -28.24 -12.61 -14.46
N MET A 540 -28.10 -11.47 -13.77
CA MET A 540 -27.51 -10.28 -14.38
C MET A 540 -26.04 -10.14 -14.05
N LEU A 541 -25.66 -10.55 -12.84
CA LEU A 541 -24.32 -10.27 -12.32
C LEU A 541 -23.29 -11.33 -12.69
N MET A 542 -23.68 -12.60 -12.63
CA MET A 542 -22.73 -13.70 -12.82
C MET A 542 -22.23 -13.96 -14.25
N PRO A 543 -23.13 -13.98 -15.25
CA PRO A 543 -22.63 -14.21 -16.62
C PRO A 543 -21.54 -13.25 -17.13
N PRO A 544 -21.61 -11.93 -16.82
CA PRO A 544 -20.49 -11.12 -17.31
C PRO A 544 -19.24 -11.31 -16.47
N LEU A 545 -19.40 -11.77 -15.23
CA LEU A 545 -18.26 -12.01 -14.35
C LEU A 545 -17.50 -13.26 -14.75
N ILE A 546 -18.23 -14.31 -15.10
CA ILE A 546 -17.61 -15.57 -15.54
C ILE A 546 -16.89 -15.37 -16.87
N GLN A 547 -17.47 -14.54 -17.73
CA GLN A 547 -16.86 -14.24 -19.02
C GLN A 547 -15.49 -13.60 -18.84
N LYS A 548 -15.41 -12.59 -17.99
CA LYS A 548 -14.15 -11.93 -17.68
C LYS A 548 -13.21 -12.87 -16.94
N TRP A 549 -13.78 -13.84 -16.23
CA TRP A 549 -13.01 -14.79 -15.45
C TRP A 549 -12.30 -15.80 -16.35
N ASN A 550 -12.81 -15.96 -17.56
CA ASN A 550 -12.24 -16.92 -18.50
C ASN A 550 -11.35 -16.27 -19.56
N MET A 551 -11.72 -15.07 -19.99
CA MET A 551 -10.99 -14.36 -21.03
C MET A 551 -9.62 -13.89 -20.55
N LEU A 552 -9.54 -13.49 -19.29
CA LEU A 552 -8.30 -12.99 -18.73
C LEU A 552 -7.26 -14.09 -18.56
N LYS A 553 -6.07 -13.86 -19.11
CA LYS A 553 -4.98 -14.82 -19.00
C LYS A 553 -4.35 -14.75 -17.62
N ASP A 554 -3.55 -15.76 -17.28
CA ASP A 554 -2.80 -15.76 -16.03
C ASP A 554 -1.70 -14.71 -16.09
N GLU A 555 -1.10 -14.43 -14.93
CA GLU A 555 -0.04 -13.43 -14.82
C GLU A 555 -0.51 -12.07 -15.33
N ASP A 556 -1.76 -11.73 -15.03
CA ASP A 556 -2.35 -10.48 -15.45
C ASP A 556 -2.66 -9.60 -14.24
N LYS A 557 -2.63 -8.29 -14.43
CA LYS A 557 -2.90 -7.36 -13.34
C LYS A 557 -4.38 -7.00 -13.23
N ASP A 558 -5.21 -7.74 -13.95
CA ASP A 558 -6.65 -7.54 -13.90
C ASP A 558 -7.32 -8.74 -13.21
N LEU A 559 -6.53 -9.79 -13.00
CA LEU A 559 -7.02 -11.02 -12.40
C LEU A 559 -7.25 -10.85 -10.89
N PHE A 560 -6.32 -10.15 -10.24
CA PHE A 560 -6.40 -9.95 -8.79
C PHE A 560 -7.64 -9.17 -8.31
N PRO A 561 -7.96 -8.03 -8.95
CA PRO A 561 -9.18 -7.33 -8.52
C PRO A 561 -10.45 -8.15 -8.75
N LEU A 562 -10.44 -9.02 -9.75
CA LEU A 562 -11.58 -9.88 -10.02
C LEU A 562 -11.60 -11.06 -9.06
N LEU A 563 -10.42 -11.47 -8.61
CA LEU A 563 -10.30 -12.56 -7.65
C LEU A 563 -10.90 -12.17 -6.30
N GLU A 564 -10.62 -10.95 -5.87
CA GLU A 564 -11.21 -10.42 -4.64
C GLU A 564 -12.69 -10.14 -4.83
N CYS A 565 -13.08 -9.82 -6.06
CA CYS A 565 -14.47 -9.50 -6.37
C CYS A 565 -15.37 -10.73 -6.24
N LEU A 566 -14.98 -11.82 -6.90
CA LEU A 566 -15.74 -13.06 -6.84
C LEU A 566 -15.75 -13.65 -5.43
N SER A 567 -14.65 -13.46 -4.71
CA SER A 567 -14.53 -13.95 -3.34
C SER A 567 -15.63 -13.36 -2.46
N SER A 568 -15.90 -12.07 -2.66
CA SER A 568 -16.95 -11.39 -1.91
C SER A 568 -18.33 -11.82 -2.36
N VAL A 569 -18.48 -12.04 -3.68
CA VAL A 569 -19.74 -12.46 -4.26
C VAL A 569 -20.10 -13.89 -3.82
N ALA A 570 -19.11 -14.77 -3.78
CA ALA A 570 -19.31 -16.14 -3.36
C ALA A 570 -19.74 -16.22 -1.89
N THR A 571 -19.22 -15.30 -1.09
CA THR A 571 -19.59 -15.24 0.33
C THR A 571 -21.01 -14.71 0.48
N ALA A 572 -21.39 -13.80 -0.41
CA ALA A 572 -22.72 -13.21 -0.38
C ALA A 572 -23.79 -14.12 -0.96
N LEU A 573 -23.54 -14.63 -2.17
CA LEU A 573 -24.51 -15.49 -2.85
C LEU A 573 -24.70 -16.83 -2.14
N GLN A 574 -23.68 -17.29 -1.44
CA GLN A 574 -23.73 -18.56 -0.72
C GLN A 574 -24.08 -19.73 -1.63
N SER A 575 -25.33 -20.18 -1.56
CA SER A 575 -25.78 -21.34 -2.32
C SER A 575 -26.08 -20.99 -3.78
N GLY A 576 -26.19 -19.70 -4.07
CA GLY A 576 -26.49 -19.25 -5.42
C GLY A 576 -25.27 -19.23 -6.33
N PHE A 577 -24.11 -19.54 -5.75
CA PHE A 577 -22.86 -19.53 -6.49
C PHE A 577 -22.57 -20.91 -7.08
N LEU A 578 -23.43 -21.87 -6.75
CA LEU A 578 -23.26 -23.26 -7.18
C LEU A 578 -23.18 -23.49 -8.70
N PRO A 579 -24.08 -22.87 -9.49
CA PRO A 579 -23.97 -23.11 -10.94
C PRO A 579 -22.74 -22.48 -11.60
N TYR A 580 -21.97 -21.71 -10.84
CA TYR A 580 -20.82 -21.00 -11.40
C TYR A 580 -19.52 -21.29 -10.66
N CYS A 581 -19.55 -22.28 -9.76
CA CYS A 581 -18.41 -22.54 -8.88
C CYS A 581 -17.31 -23.37 -9.55
N GLU A 582 -17.65 -24.09 -10.62
CA GLU A 582 -16.70 -24.97 -11.29
C GLU A 582 -15.47 -24.27 -11.87
N PRO A 583 -15.66 -23.24 -12.73
CA PRO A 583 -14.46 -22.63 -13.29
C PRO A 583 -13.70 -21.78 -12.26
N VAL A 584 -14.40 -21.37 -11.21
CA VAL A 584 -13.78 -20.57 -10.15
C VAL A 584 -12.91 -21.43 -9.25
N TYR A 585 -13.39 -22.64 -8.95
CA TYR A 585 -12.64 -23.57 -8.12
C TYR A 585 -11.34 -23.98 -8.79
N GLN A 586 -11.43 -24.35 -10.07
CA GLN A 586 -10.27 -24.86 -10.80
C GLN A 586 -9.17 -23.82 -10.94
N ARG A 587 -9.55 -22.58 -11.25
CA ARG A 587 -8.59 -21.49 -11.42
C ARG A 587 -7.84 -21.21 -10.12
N CYS A 588 -8.56 -21.28 -9.00
CA CYS A 588 -7.95 -21.01 -7.70
C CYS A 588 -6.94 -22.08 -7.32
N VAL A 589 -7.28 -23.34 -7.55
CA VAL A 589 -6.36 -24.45 -7.28
C VAL A 589 -5.11 -24.32 -8.15
N ASN A 590 -5.30 -23.92 -9.40
CA ASN A 590 -4.20 -23.72 -10.33
C ASN A 590 -3.24 -22.64 -9.85
N LEU A 591 -3.80 -21.53 -9.36
CA LEU A 591 -3.00 -20.41 -8.88
C LEU A 591 -2.18 -20.77 -7.65
N VAL A 592 -2.74 -21.62 -6.79
CA VAL A 592 -2.03 -22.09 -5.60
C VAL A 592 -0.87 -22.98 -6.00
N GLN A 593 -1.13 -23.88 -6.96
CA GLN A 593 -0.10 -24.80 -7.44
C GLN A 593 1.00 -24.05 -8.19
N LYS A 594 0.61 -23.12 -9.04
CA LYS A 594 1.56 -22.33 -9.82
C LYS A 594 2.44 -21.48 -8.91
N THR A 595 1.86 -20.95 -7.84
CA THR A 595 2.60 -20.12 -6.90
C THR A 595 3.65 -20.94 -6.14
N LEU A 596 3.26 -22.13 -5.73
CA LEU A 596 4.17 -23.04 -5.02
C LEU A 596 5.29 -23.51 -5.94
N ALA A 597 5.00 -23.54 -7.25
CA ALA A 597 5.98 -23.95 -8.24
C ALA A 597 7.12 -22.94 -8.34
N GLN A 598 6.76 -21.67 -8.48
CA GLN A 598 7.75 -20.60 -8.57
C GLN A 598 8.48 -20.42 -7.25
N ALA A 599 7.85 -20.86 -6.16
CA ALA A 599 8.45 -20.78 -4.84
C ALA A 599 9.65 -21.72 -4.74
N MET A 600 9.53 -22.91 -5.31
CA MET A 600 10.62 -23.89 -5.31
C MET A 600 11.76 -23.46 -6.20
N LEU A 601 11.44 -22.98 -7.40
CA LEU A 601 12.44 -22.51 -8.34
C LEU A 601 13.24 -21.34 -7.77
N ASN A 602 12.57 -20.50 -6.98
CA ASN A 602 13.21 -19.35 -6.36
C ASN A 602 14.02 -19.74 -5.14
N ASN A 603 13.65 -20.86 -4.51
CA ASN A 603 14.36 -21.34 -3.33
C ASN A 603 15.65 -22.06 -3.71
N ALA A 604 15.68 -22.63 -4.92
CA ALA A 604 16.85 -23.35 -5.40
C ALA A 604 17.76 -22.43 -6.21
N GLN A 605 17.19 -21.76 -7.20
CA GLN A 605 17.95 -20.82 -8.02
C GLN A 605 17.31 -19.43 -7.98
N PRO A 606 17.60 -18.67 -6.91
CA PRO A 606 16.99 -17.35 -6.68
C PRO A 606 17.36 -16.34 -7.77
N ASP A 607 18.60 -16.38 -8.25
CA ASP A 607 19.08 -15.42 -9.23
C ASP A 607 18.47 -15.63 -10.61
N GLN A 608 18.13 -16.88 -10.92
CA GLN A 608 17.66 -17.22 -12.25
C GLN A 608 16.13 -17.22 -12.36
N TYR A 609 15.46 -17.50 -11.26
CA TYR A 609 14.00 -17.57 -11.24
C TYR A 609 13.37 -16.49 -10.38
N GLU A 610 12.30 -15.87 -10.89
CA GLU A 610 11.62 -14.78 -10.20
C GLU A 610 10.85 -15.27 -8.98
N ALA A 611 10.88 -14.48 -7.91
CA ALA A 611 10.13 -14.79 -6.70
C ALA A 611 8.64 -14.66 -6.95
N PRO A 612 7.84 -15.60 -6.41
CA PRO A 612 6.39 -15.60 -6.62
C PRO A 612 5.69 -14.55 -5.76
N ASP A 613 4.45 -14.22 -6.12
CA ASP A 613 3.65 -13.29 -5.34
C ASP A 613 2.63 -14.06 -4.49
N LYS A 614 2.87 -14.09 -3.18
CA LYS A 614 2.03 -14.85 -2.26
C LYS A 614 0.60 -14.32 -2.19
N ASP A 615 0.42 -13.04 -2.51
CA ASP A 615 -0.89 -12.41 -2.43
C ASP A 615 -1.94 -13.11 -3.30
N PHE A 616 -1.52 -13.57 -4.48
CA PHE A 616 -2.42 -14.30 -5.38
C PHE A 616 -2.85 -15.63 -4.78
N MET A 617 -2.00 -16.22 -3.94
CA MET A 617 -2.27 -17.51 -3.34
C MET A 617 -3.17 -17.38 -2.11
N ILE A 618 -2.93 -16.33 -1.32
CA ILE A 618 -3.70 -16.12 -0.10
C ILE A 618 -5.17 -15.84 -0.38
N VAL A 619 -5.43 -15.00 -1.38
CA VAL A 619 -6.79 -14.68 -1.77
C VAL A 619 -7.46 -15.91 -2.38
N ALA A 620 -6.69 -16.68 -3.14
CA ALA A 620 -7.19 -17.91 -3.75
C ALA A 620 -7.62 -18.91 -2.70
N LEU A 621 -6.80 -19.07 -1.66
CA LEU A 621 -7.14 -19.95 -0.55
C LEU A 621 -8.39 -19.45 0.19
N ASP A 622 -8.49 -18.14 0.34
CA ASP A 622 -9.64 -17.54 1.01
C ASP A 622 -10.92 -17.72 0.21
N LEU A 623 -10.80 -17.70 -1.12
CA LEU A 623 -11.94 -17.91 -2.00
C LEU A 623 -12.39 -19.37 -1.89
N LEU A 624 -11.42 -20.28 -1.93
CA LEU A 624 -11.69 -21.71 -1.78
C LEU A 624 -12.36 -21.98 -0.44
N SER A 625 -11.90 -21.29 0.59
CA SER A 625 -12.49 -21.41 1.92
C SER A 625 -13.92 -20.85 1.91
N GLY A 626 -14.15 -19.87 1.05
CA GLY A 626 -15.47 -19.28 0.91
C GLY A 626 -16.45 -20.21 0.22
N LEU A 627 -15.95 -20.96 -0.75
CA LEU A 627 -16.78 -21.91 -1.49
C LEU A 627 -17.13 -23.11 -0.62
N ALA A 628 -16.17 -23.55 0.20
CA ALA A 628 -16.37 -24.69 1.08
C ALA A 628 -17.44 -24.40 2.13
N GLU A 629 -17.50 -23.14 2.56
CA GLU A 629 -18.44 -22.73 3.59
C GLU A 629 -19.80 -22.37 2.99
N GLY A 630 -19.77 -21.76 1.81
CA GLY A 630 -20.98 -21.29 1.15
C GLY A 630 -21.76 -22.39 0.45
N LEU A 631 -21.04 -23.30 -0.20
CA LEU A 631 -21.67 -24.38 -0.96
C LEU A 631 -21.91 -25.61 -0.09
N GLY A 632 -21.12 -25.76 0.96
CA GLY A 632 -21.27 -26.87 1.88
C GLY A 632 -20.83 -28.19 1.29
N GLY A 633 -21.76 -29.14 1.22
CA GLY A 633 -21.44 -30.48 0.75
C GLY A 633 -21.47 -30.64 -0.75
N ASN A 634 -21.86 -29.57 -1.46
CA ASN A 634 -21.93 -29.60 -2.91
C ASN A 634 -20.57 -29.41 -3.56
N ILE A 635 -19.56 -29.11 -2.74
CA ILE A 635 -18.20 -28.90 -3.23
C ILE A 635 -17.43 -30.22 -3.18
N GLU A 636 -18.10 -31.27 -2.70
CA GLU A 636 -17.49 -32.57 -2.48
C GLU A 636 -16.84 -33.17 -3.74
N GLN A 637 -17.51 -33.03 -4.88
CA GLN A 637 -17.03 -33.64 -6.12
C GLN A 637 -15.78 -32.96 -6.67
N LEU A 638 -15.69 -31.65 -6.49
CA LEU A 638 -14.56 -30.88 -7.00
C LEU A 638 -13.31 -31.11 -6.16
N VAL A 639 -13.50 -31.40 -4.87
CA VAL A 639 -12.38 -31.66 -3.97
C VAL A 639 -11.64 -32.93 -4.34
N ALA A 640 -12.40 -33.98 -4.64
CA ALA A 640 -11.82 -35.28 -4.96
C ALA A 640 -11.10 -35.29 -6.31
N ARG A 641 -11.57 -34.46 -7.24
CA ARG A 641 -11.01 -34.42 -8.58
C ARG A 641 -9.84 -33.45 -8.69
N SER A 642 -9.31 -33.03 -7.55
CA SER A 642 -8.19 -32.09 -7.52
C SER A 642 -7.26 -32.34 -6.34
N ASN A 643 -6.03 -31.87 -6.46
CA ASN A 643 -5.03 -32.03 -5.40
C ASN A 643 -5.05 -30.87 -4.42
N ILE A 644 -6.26 -30.45 -4.03
CA ILE A 644 -6.42 -29.31 -3.14
C ILE A 644 -5.82 -29.58 -1.76
N LEU A 645 -5.87 -30.84 -1.32
CA LEU A 645 -5.34 -31.21 -0.02
C LEU A 645 -3.82 -31.34 -0.03
N THR A 646 -3.27 -31.74 -1.17
CA THR A 646 -1.84 -31.87 -1.32
C THR A 646 -1.18 -30.49 -1.29
N LEU A 647 -1.75 -29.56 -2.06
CA LEU A 647 -1.27 -28.19 -2.09
C LEU A 647 -1.42 -27.54 -0.71
N MET A 648 -2.55 -27.82 -0.07
CA MET A 648 -2.85 -27.30 1.25
C MET A 648 -1.79 -27.73 2.26
N TYR A 649 -1.32 -28.96 2.10
CA TYR A 649 -0.28 -29.51 2.97
C TYR A 649 1.01 -28.71 2.83
N GLN A 650 1.26 -28.19 1.64
CA GLN A 650 2.47 -27.42 1.37
C GLN A 650 2.33 -26.00 1.90
N CYS A 651 1.12 -25.45 1.81
CA CYS A 651 0.85 -24.08 2.25
C CYS A 651 0.94 -23.95 3.77
N MET A 652 0.55 -25.01 4.48
CA MET A 652 0.58 -25.01 5.93
C MET A 652 2.02 -24.96 6.46
N GLN A 653 2.97 -25.26 5.59
CA GLN A 653 4.38 -25.29 5.98
C GLN A 653 5.13 -24.06 5.49
N ASP A 654 4.42 -23.13 4.85
CA ASP A 654 5.02 -21.92 4.33
C ASP A 654 5.51 -21.02 5.46
N LYS A 655 6.52 -20.21 5.18
CA LYS A 655 7.12 -19.35 6.20
C LYS A 655 6.31 -18.10 6.48
N MET A 656 5.46 -17.72 5.53
CA MET A 656 4.62 -16.54 5.68
C MET A 656 3.36 -16.85 6.48
N PRO A 657 3.17 -16.15 7.60
CA PRO A 657 2.04 -16.36 8.53
C PRO A 657 0.68 -16.27 7.85
N GLU A 658 0.49 -15.28 6.98
CA GLU A 658 -0.77 -15.09 6.29
C GLU A 658 -1.15 -16.29 5.43
N VAL A 659 -0.13 -16.99 4.93
CA VAL A 659 -0.36 -18.17 4.10
C VAL A 659 -0.82 -19.35 4.94
N ARG A 660 -0.20 -19.52 6.10
CA ARG A 660 -0.59 -20.59 7.03
C ARG A 660 -1.98 -20.33 7.59
N GLN A 661 -2.30 -19.05 7.79
CA GLN A 661 -3.59 -18.66 8.32
C GLN A 661 -4.73 -19.07 7.39
N SER A 662 -4.59 -18.73 6.11
CA SER A 662 -5.63 -19.01 5.13
C SER A 662 -5.71 -20.49 4.77
N SER A 663 -4.69 -21.25 5.16
CA SER A 663 -4.65 -22.67 4.90
C SER A 663 -5.48 -23.43 5.94
N PHE A 664 -5.24 -23.12 7.21
CA PHE A 664 -5.97 -23.75 8.31
C PHE A 664 -7.46 -23.44 8.22
N ALA A 665 -7.78 -22.25 7.74
CA ALA A 665 -9.16 -21.85 7.54
C ALA A 665 -9.82 -22.72 6.48
N LEU A 666 -9.09 -22.97 5.39
CA LEU A 666 -9.58 -23.82 4.32
C LEU A 666 -9.70 -25.26 4.81
N LEU A 667 -8.82 -25.65 5.72
CA LEU A 667 -8.84 -26.99 6.30
C LEU A 667 -10.12 -27.22 7.09
N GLY A 668 -10.41 -26.30 8.01
CA GLY A 668 -11.58 -26.40 8.86
C GLY A 668 -12.89 -26.40 8.10
N ASP A 669 -12.93 -25.66 6.99
CA ASP A 669 -14.14 -25.58 6.17
C ASP A 669 -14.40 -26.88 5.41
N LEU A 670 -13.33 -27.50 4.93
CA LEU A 670 -13.45 -28.77 4.20
C LEU A 670 -13.76 -29.91 5.17
N THR A 671 -13.38 -29.74 6.43
CA THR A 671 -13.70 -30.70 7.47
C THR A 671 -15.21 -30.78 7.68
N LYS A 672 -15.88 -29.63 7.62
CA LYS A 672 -17.33 -29.58 7.76
C LYS A 672 -18.03 -29.90 6.44
N ALA A 673 -17.40 -29.55 5.33
CA ALA A 673 -17.98 -29.75 4.01
C ALA A 673 -17.97 -31.21 3.61
N CYS A 674 -16.77 -31.79 3.55
CA CYS A 674 -16.59 -33.18 3.16
C CYS A 674 -15.38 -33.79 3.83
N PHE A 675 -15.58 -34.34 5.02
CA PHE A 675 -14.48 -34.89 5.80
C PHE A 675 -14.00 -36.24 5.26
N GLN A 676 -14.81 -36.86 4.40
CA GLN A 676 -14.46 -38.15 3.82
C GLN A 676 -13.26 -38.04 2.88
N HIS A 677 -12.99 -36.83 2.41
CA HIS A 677 -11.84 -36.58 1.55
C HIS A 677 -10.67 -36.05 2.38
N VAL A 678 -10.98 -35.54 3.56
CA VAL A 678 -9.97 -34.94 4.44
C VAL A 678 -9.38 -35.98 5.38
N LYS A 679 -10.21 -36.94 5.79
CA LYS A 679 -9.82 -37.95 6.77
C LYS A 679 -8.51 -38.72 6.48
N PRO A 680 -8.28 -39.12 5.22
CA PRO A 680 -6.99 -39.75 4.88
C PRO A 680 -5.78 -38.93 5.29
N CYS A 681 -5.88 -37.61 5.20
CA CYS A 681 -4.72 -36.73 5.41
C CYS A 681 -4.60 -36.20 6.84
N ILE A 682 -5.48 -36.68 7.73
CA ILE A 682 -5.47 -36.22 9.12
C ILE A 682 -4.16 -36.56 9.83
N ALA A 683 -3.62 -37.74 9.54
CA ALA A 683 -2.38 -38.19 10.18
C ALA A 683 -1.21 -37.25 9.92
N ASP A 684 -1.23 -36.56 8.79
CA ASP A 684 -0.15 -35.64 8.43
C ASP A 684 -0.46 -34.20 8.77
N PHE A 685 -1.75 -33.86 8.83
CA PHE A 685 -2.17 -32.50 9.14
C PHE A 685 -1.99 -32.19 10.63
N MET A 686 -2.34 -33.16 11.47
CA MET A 686 -2.29 -32.99 12.93
C MET A 686 -0.94 -32.56 13.52
N PRO A 687 0.18 -33.17 13.09
CA PRO A 687 1.45 -32.71 13.64
C PRO A 687 1.77 -31.27 13.24
N ILE A 688 1.30 -30.85 12.07
CA ILE A 688 1.51 -29.47 11.61
C ILE A 688 0.69 -28.49 12.45
N LEU A 689 -0.58 -28.84 12.69
CA LEU A 689 -1.47 -28.02 13.49
C LEU A 689 -0.98 -27.90 14.92
N GLY A 690 -0.34 -28.96 15.42
CA GLY A 690 0.17 -28.98 16.78
C GLY A 690 1.37 -28.07 16.99
N THR A 691 2.09 -27.79 15.90
CA THR A 691 3.28 -26.95 15.97
C THR A 691 2.96 -25.50 15.60
N ASN A 692 1.75 -25.27 15.09
CA ASN A 692 1.32 -23.93 14.73
C ASN A 692 0.44 -23.29 15.80
N LEU A 693 0.42 -23.91 16.99
CA LEU A 693 -0.33 -23.36 18.11
C LEU A 693 0.52 -22.36 18.89
N ASN A 694 1.19 -21.48 18.14
CA ASN A 694 2.02 -20.45 18.74
C ASN A 694 1.23 -19.14 18.85
N PRO A 695 1.02 -18.67 20.08
CA PRO A 695 0.25 -17.44 20.35
C PRO A 695 0.94 -16.18 19.86
N GLU A 696 2.17 -16.30 19.37
CA GLU A 696 2.89 -15.18 18.78
C GLU A 696 2.14 -14.68 17.55
N PHE A 697 1.72 -15.62 16.71
CA PHE A 697 0.92 -15.31 15.53
C PHE A 697 -0.55 -15.54 15.84
N ILE A 698 -1.22 -14.49 16.28
CA ILE A 698 -2.61 -14.57 16.72
C ILE A 698 -3.55 -15.17 15.67
N SER A 699 -3.47 -14.64 14.45
CA SER A 699 -4.33 -15.10 13.36
C SER A 699 -4.09 -16.57 13.01
N VAL A 700 -2.83 -16.97 12.95
CA VAL A 700 -2.48 -18.34 12.61
C VAL A 700 -2.90 -19.29 13.73
N CYS A 701 -2.62 -18.88 14.97
CA CYS A 701 -2.93 -19.69 16.14
C CYS A 701 -4.43 -19.92 16.30
N ASN A 702 -5.22 -18.88 15.99
CA ASN A 702 -6.66 -18.95 16.13
C ASN A 702 -7.31 -19.94 15.16
N ASN A 703 -6.90 -19.86 13.89
CA ASN A 703 -7.42 -20.76 12.87
C ASN A 703 -6.98 -22.20 13.09
N ALA A 704 -5.76 -22.36 13.60
CA ALA A 704 -5.23 -23.68 13.90
C ALA A 704 -6.02 -24.34 15.03
N THR A 705 -6.27 -23.56 16.08
CA THR A 705 -7.04 -24.02 17.23
C THR A 705 -8.47 -24.39 16.82
N TRP A 706 -9.07 -23.56 15.97
CA TRP A 706 -10.41 -23.83 15.48
C TRP A 706 -10.43 -25.04 14.56
N ALA A 707 -9.34 -25.28 13.86
CA ALA A 707 -9.23 -26.39 12.93
C ALA A 707 -9.33 -27.73 13.65
N ILE A 708 -8.44 -27.94 14.63
CA ILE A 708 -8.40 -29.21 15.36
C ILE A 708 -9.70 -29.49 16.12
N GLY A 709 -10.44 -28.43 16.45
CA GLY A 709 -11.73 -28.57 17.10
C GLY A 709 -12.75 -29.18 16.17
N GLU A 710 -12.83 -28.65 14.94
CA GLU A 710 -13.78 -29.15 13.96
C GLU A 710 -13.41 -30.55 13.49
N ILE A 711 -12.11 -30.84 13.46
CA ILE A 711 -11.62 -32.16 13.09
C ILE A 711 -11.99 -33.17 14.17
N SER A 712 -11.82 -32.76 15.43
CA SER A 712 -12.13 -33.60 16.58
C SER A 712 -13.57 -34.13 16.56
N ILE A 713 -14.48 -33.32 16.03
CA ILE A 713 -15.89 -33.69 15.95
C ILE A 713 -16.14 -34.77 14.89
N GLN A 714 -15.56 -34.56 13.71
CA GLN A 714 -15.74 -35.49 12.60
C GLN A 714 -15.02 -36.81 12.84
N MET A 715 -13.90 -36.75 13.54
CA MET A 715 -13.12 -37.95 13.85
C MET A 715 -13.86 -38.86 14.83
N GLY A 716 -14.09 -38.37 16.03
CA GLY A 716 -14.76 -39.15 17.06
C GLY A 716 -13.77 -39.75 18.04
N ILE A 717 -13.95 -41.03 18.34
CA ILE A 717 -13.08 -41.73 19.28
C ILE A 717 -11.70 -41.97 18.68
N GLU A 718 -11.59 -41.78 17.37
CA GLU A 718 -10.33 -42.00 16.65
C GLU A 718 -9.37 -40.83 16.84
N MET A 719 -9.77 -39.87 17.68
CA MET A 719 -8.99 -38.65 17.88
C MET A 719 -7.92 -38.82 18.95
N GLN A 720 -8.00 -39.91 19.70
CA GLN A 720 -7.11 -40.15 20.84
C GLN A 720 -5.58 -40.10 20.58
N PRO A 721 -5.10 -40.64 19.44
CA PRO A 721 -3.64 -40.61 19.32
C PRO A 721 -3.09 -39.21 18.99
N TYR A 722 -3.97 -38.30 18.57
CA TYR A 722 -3.54 -36.96 18.17
C TYR A 722 -3.69 -35.96 19.31
N ILE A 723 -4.38 -36.36 20.36
CA ILE A 723 -4.67 -35.46 21.49
C ILE A 723 -3.46 -34.98 22.32
N PRO A 724 -2.58 -35.91 22.78
CA PRO A 724 -1.56 -35.47 23.74
C PRO A 724 -0.55 -34.46 23.20
N MET A 725 -0.46 -34.32 21.88
CA MET A 725 0.50 -33.39 21.28
C MET A 725 -0.09 -31.99 21.10
N VAL A 726 -1.39 -31.86 21.29
CA VAL A 726 -2.06 -30.57 21.13
C VAL A 726 -2.75 -30.12 22.41
N LEU A 727 -3.02 -31.07 23.30
CA LEU A 727 -3.74 -30.77 24.55
C LEU A 727 -2.91 -29.91 25.49
N HIS A 728 -1.63 -30.23 25.63
CA HIS A 728 -0.74 -29.48 26.49
C HIS A 728 -0.56 -28.06 25.96
N GLN A 729 -0.68 -27.93 24.64
CA GLN A 729 -0.54 -26.63 23.98
C GLN A 729 -1.71 -25.72 24.30
N LEU A 730 -2.92 -26.25 24.18
CA LEU A 730 -4.14 -25.47 24.38
C LEU A 730 -4.30 -24.95 25.81
N VAL A 731 -3.98 -25.81 26.78
CA VAL A 731 -4.07 -25.43 28.19
C VAL A 731 -3.11 -24.28 28.48
N GLU A 732 -1.96 -24.31 27.83
CA GLU A 732 -0.96 -23.25 27.97
C GLU A 732 -1.50 -21.92 27.47
N ILE A 733 -2.17 -21.95 26.31
CA ILE A 733 -2.68 -20.74 25.68
C ILE A 733 -3.81 -20.10 26.49
N ILE A 734 -4.73 -20.92 26.99
CA ILE A 734 -5.91 -20.42 27.70
C ILE A 734 -5.56 -19.87 29.08
N ASN A 735 -4.32 -20.09 29.51
CA ASN A 735 -3.86 -19.61 30.81
C ASN A 735 -3.02 -18.33 30.72
N ARG A 736 -2.41 -18.11 29.57
CA ARG A 736 -1.55 -16.94 29.37
C ARG A 736 -2.35 -15.65 29.41
N PRO A 737 -1.90 -14.68 30.21
CA PRO A 737 -2.57 -13.37 30.33
C PRO A 737 -2.39 -12.54 29.06
N ASN A 738 -3.13 -11.44 28.96
CA ASN A 738 -3.08 -10.54 27.80
C ASN A 738 -3.38 -11.25 26.48
N THR A 739 -4.25 -12.25 26.54
CA THR A 739 -4.66 -12.99 25.36
C THR A 739 -5.98 -12.45 24.83
N PRO A 740 -6.04 -12.14 23.53
CA PRO A 740 -7.24 -11.59 22.89
C PRO A 740 -8.50 -12.42 23.12
N LYS A 741 -9.65 -11.76 23.14
CA LYS A 741 -10.92 -12.40 23.45
C LYS A 741 -11.27 -13.55 22.52
N THR A 742 -11.15 -13.31 21.22
CA THR A 742 -11.52 -14.31 20.22
C THR A 742 -10.66 -15.57 20.30
N LEU A 743 -9.39 -15.40 20.66
CA LEU A 743 -8.47 -16.52 20.77
C LEU A 743 -8.80 -17.39 21.97
N LEU A 744 -9.19 -16.77 23.07
CA LEU A 744 -9.59 -17.49 24.28
C LEU A 744 -10.86 -18.30 24.05
N GLU A 745 -11.76 -17.75 23.24
CA GLU A 745 -13.01 -18.42 22.92
C GLU A 745 -12.77 -19.69 22.12
N ASN A 746 -12.09 -19.55 20.99
CA ASN A 746 -11.80 -20.69 20.12
C ASN A 746 -10.95 -21.76 20.82
N THR A 747 -10.16 -21.33 21.80
CA THR A 747 -9.37 -22.26 22.59
C THR A 747 -10.28 -23.10 23.49
N ALA A 748 -11.13 -22.42 24.24
CA ALA A 748 -12.06 -23.09 25.14
C ALA A 748 -13.02 -24.02 24.39
N ILE A 749 -13.51 -23.56 23.25
CA ILE A 749 -14.43 -24.36 22.43
C ILE A 749 -13.75 -25.63 21.93
N THR A 750 -12.50 -25.50 21.48
CA THR A 750 -11.74 -26.64 20.99
C THR A 750 -11.49 -27.66 22.10
N ILE A 751 -11.04 -27.17 23.25
CA ILE A 751 -10.77 -28.03 24.40
C ILE A 751 -12.00 -28.84 24.78
N GLY A 752 -13.15 -28.18 24.83
CA GLY A 752 -14.40 -28.85 25.12
C GLY A 752 -14.75 -29.88 24.06
N ARG A 753 -14.47 -29.56 22.80
CA ARG A 753 -14.75 -30.47 21.69
C ARG A 753 -13.88 -31.72 21.74
N LEU A 754 -12.67 -31.58 22.28
CA LEU A 754 -11.77 -32.72 22.45
C LEU A 754 -12.29 -33.65 23.54
N GLY A 755 -12.77 -33.04 24.63
CA GLY A 755 -13.25 -33.79 25.78
C GLY A 755 -14.62 -34.43 25.56
N TYR A 756 -15.23 -34.14 24.41
CA TYR A 756 -16.54 -34.70 24.09
C TYR A 756 -16.41 -36.06 23.43
N VAL A 757 -15.47 -36.20 22.51
CA VAL A 757 -15.26 -37.46 21.80
C VAL A 757 -14.28 -38.37 22.54
N CYS A 758 -13.32 -37.77 23.24
CA CYS A 758 -12.33 -38.52 24.01
C CYS A 758 -12.06 -37.83 25.34
N PRO A 759 -12.97 -38.01 26.31
CA PRO A 759 -12.86 -37.35 27.61
C PRO A 759 -11.73 -37.89 28.46
N GLN A 760 -11.37 -39.16 28.27
CA GLN A 760 -10.40 -39.84 29.13
C GLN A 760 -9.04 -39.16 29.14
N GLU A 761 -8.64 -38.61 27.99
CA GLU A 761 -7.34 -37.95 27.87
C GLU A 761 -7.39 -36.50 28.35
N VAL A 762 -8.58 -35.92 28.35
CA VAL A 762 -8.74 -34.51 28.71
C VAL A 762 -9.20 -34.35 30.16
N ALA A 763 -9.87 -35.39 30.68
CA ALA A 763 -10.41 -35.37 32.05
C ALA A 763 -9.44 -34.96 33.16
N PRO A 764 -8.22 -35.53 33.21
CA PRO A 764 -7.33 -35.16 34.33
C PRO A 764 -6.85 -33.71 34.26
N MET A 765 -7.03 -33.06 33.12
CA MET A 765 -6.58 -31.68 32.94
C MET A 765 -7.67 -30.69 33.33
N LEU A 766 -8.84 -31.22 33.69
CA LEU A 766 -10.04 -30.41 33.93
C LEU A 766 -9.85 -29.28 34.94
N GLN A 767 -9.16 -29.55 36.05
CA GLN A 767 -8.97 -28.56 37.10
C GLN A 767 -8.09 -27.40 36.65
N GLN A 768 -7.23 -27.66 35.66
CA GLN A 768 -6.25 -26.69 35.22
C GLN A 768 -6.82 -25.57 34.35
N PHE A 769 -7.86 -25.88 33.57
CA PHE A 769 -8.43 -24.90 32.65
C PHE A 769 -9.86 -24.54 32.97
N ILE A 770 -10.38 -25.04 34.10
CA ILE A 770 -11.79 -24.84 34.44
C ILE A 770 -12.13 -23.37 34.69
N ARG A 771 -11.14 -22.59 35.09
CA ARG A 771 -11.36 -21.18 35.41
C ARG A 771 -11.55 -20.26 34.18
N PRO A 772 -10.58 -20.25 33.24
CA PRO A 772 -10.77 -19.34 32.12
C PRO A 772 -11.79 -19.85 31.10
N TRP A 773 -12.05 -21.15 31.12
CA TRP A 773 -13.00 -21.78 30.21
C TRP A 773 -14.40 -21.19 30.41
N CYS A 774 -14.84 -21.18 31.66
CA CYS A 774 -16.15 -20.65 32.00
C CYS A 774 -16.17 -19.13 31.93
N THR A 775 -15.03 -18.52 32.18
CA THR A 775 -14.91 -17.06 32.16
C THR A 775 -15.08 -16.52 30.74
N SER A 776 -14.64 -17.31 29.76
CA SER A 776 -14.65 -16.87 28.38
C SER A 776 -15.95 -17.23 27.65
N LEU A 777 -16.43 -18.46 27.86
CA LEU A 777 -17.60 -18.95 27.14
C LEU A 777 -18.93 -18.51 27.76
N ARG A 778 -18.87 -17.63 28.75
CA ARG A 778 -20.08 -17.10 29.36
C ARG A 778 -20.55 -15.86 28.63
N ASN A 779 -19.68 -15.32 27.78
CA ASN A 779 -19.96 -14.08 27.08
C ASN A 779 -20.38 -14.30 25.62
N ILE A 780 -20.40 -15.55 25.20
CA ILE A 780 -20.76 -15.88 23.82
C ILE A 780 -22.22 -16.31 23.72
N ARG A 781 -22.78 -16.17 22.52
CA ARG A 781 -24.17 -16.52 22.28
C ARG A 781 -24.37 -18.04 22.26
N ASP A 782 -25.62 -18.48 22.35
CA ASP A 782 -25.94 -19.89 22.37
C ASP A 782 -26.01 -20.47 20.95
N ASN A 783 -24.84 -20.70 20.35
CA ASN A 783 -24.77 -21.29 19.03
C ASN A 783 -24.39 -22.77 19.07
N GLU A 784 -23.94 -23.30 17.94
CA GLU A 784 -23.54 -24.70 17.86
C GLU A 784 -22.17 -24.92 18.48
N GLU A 785 -21.28 -23.96 18.32
CA GLU A 785 -19.93 -24.03 18.89
C GLU A 785 -19.98 -24.11 20.41
N LYS A 786 -20.90 -23.35 21.01
CA LYS A 786 -21.05 -23.34 22.45
C LYS A 786 -21.72 -24.62 22.94
N ASP A 787 -22.63 -25.15 22.13
CA ASP A 787 -23.35 -26.37 22.46
C ASP A 787 -22.42 -27.57 22.55
N SER A 788 -21.58 -27.75 21.53
CA SER A 788 -20.64 -28.86 21.49
C SER A 788 -19.57 -28.73 22.57
N ALA A 789 -19.26 -27.49 22.95
CA ALA A 789 -18.27 -27.23 23.97
C ALA A 789 -18.79 -27.63 25.36
N PHE A 790 -20.04 -27.28 25.64
CA PHE A 790 -20.65 -27.61 26.91
C PHE A 790 -21.03 -29.09 27.02
N ARG A 791 -21.23 -29.74 25.87
CA ARG A 791 -21.46 -31.18 25.86
C ARG A 791 -20.18 -31.90 26.29
N GLY A 792 -19.04 -31.29 25.97
CA GLY A 792 -17.76 -31.86 26.32
C GLY A 792 -17.41 -31.64 27.78
N ILE A 793 -17.77 -30.47 28.30
CA ILE A 793 -17.49 -30.15 29.70
C ILE A 793 -18.36 -30.98 30.64
N CYS A 794 -19.45 -31.53 30.10
CA CYS A 794 -20.35 -32.36 30.90
C CYS A 794 -19.89 -33.82 30.91
N THR A 795 -19.34 -34.27 29.79
CA THR A 795 -18.81 -35.63 29.69
C THR A 795 -17.57 -35.75 30.56
N MET A 796 -16.79 -34.69 30.62
CA MET A 796 -15.55 -34.67 31.41
C MET A 796 -15.83 -34.58 32.91
N ILE A 797 -16.89 -33.87 33.27
CA ILE A 797 -17.31 -33.79 34.67
C ILE A 797 -17.81 -35.15 35.14
N SER A 798 -18.50 -35.86 34.26
CA SER A 798 -19.01 -37.20 34.56
C SER A 798 -17.87 -38.19 34.82
N VAL A 799 -16.70 -37.90 34.26
CA VAL A 799 -15.53 -38.74 34.46
C VAL A 799 -14.70 -38.26 35.65
N ASN A 800 -14.41 -36.97 35.68
CA ASN A 800 -13.64 -36.37 36.76
C ASN A 800 -14.40 -35.23 37.43
N PRO A 801 -15.30 -35.56 38.37
CA PRO A 801 -16.08 -34.55 39.08
C PRO A 801 -15.25 -33.76 40.08
N SER A 802 -14.01 -34.18 40.28
CA SER A 802 -13.15 -33.58 41.30
C SER A 802 -12.70 -32.16 40.96
N GLY A 803 -12.28 -31.95 39.72
CA GLY A 803 -11.73 -30.67 39.31
C GLY A 803 -12.72 -29.52 39.32
N VAL A 804 -13.99 -29.83 39.17
CA VAL A 804 -15.02 -28.79 39.06
C VAL A 804 -15.50 -28.30 40.43
N ILE A 805 -15.23 -29.09 41.47
CA ILE A 805 -15.67 -28.75 42.82
C ILE A 805 -15.04 -27.47 43.36
N GLN A 806 -13.72 -27.38 43.22
CA GLN A 806 -12.98 -26.23 43.74
C GLN A 806 -13.44 -24.92 43.11
N ASP A 807 -13.69 -24.96 41.80
CA ASP A 807 -14.17 -23.78 41.09
C ASP A 807 -15.55 -24.04 40.50
N PHE A 808 -16.54 -24.22 41.38
CA PHE A 808 -17.90 -24.53 40.94
C PHE A 808 -18.72 -23.26 40.72
N ILE A 809 -18.26 -22.15 41.28
CA ILE A 809 -18.93 -20.87 41.13
C ILE A 809 -18.87 -20.38 39.69
N PHE A 810 -17.83 -20.78 38.98
CA PHE A 810 -17.65 -20.37 37.59
C PHE A 810 -18.48 -21.23 36.65
N PHE A 811 -18.66 -22.50 37.02
CA PHE A 811 -19.45 -23.43 36.22
C PHE A 811 -20.93 -23.06 36.25
N CYS A 812 -21.39 -22.61 37.42
CA CYS A 812 -22.78 -22.19 37.58
C CYS A 812 -23.08 -20.95 36.74
N ASP A 813 -22.14 -20.02 36.72
CA ASP A 813 -22.29 -18.79 35.96
C ASP A 813 -22.26 -19.09 34.46
N ALA A 814 -21.50 -20.11 34.08
CA ALA A 814 -21.40 -20.52 32.67
C ALA A 814 -22.66 -21.23 32.20
N VAL A 815 -23.25 -22.04 33.08
CA VAL A 815 -24.47 -22.76 32.75
C VAL A 815 -25.66 -21.80 32.69
N ALA A 816 -25.65 -20.81 33.57
CA ALA A 816 -26.72 -19.80 33.60
C ALA A 816 -26.65 -18.88 32.39
N SER A 817 -25.50 -18.85 31.73
CA SER A 817 -25.32 -18.05 30.52
C SER A 817 -26.20 -18.59 29.39
N TRP A 818 -26.52 -19.87 29.46
CA TRP A 818 -27.42 -20.50 28.50
C TRP A 818 -28.85 -20.00 28.67
N ILE A 819 -29.42 -19.49 27.58
CA ILE A 819 -30.80 -19.02 27.59
C ILE A 819 -31.73 -20.14 27.15
N ASN A 820 -31.47 -20.70 25.98
CA ASN A 820 -32.28 -21.77 25.43
C ASN A 820 -31.43 -22.96 25.00
N PRO A 821 -30.96 -23.76 25.97
CA PRO A 821 -30.16 -24.94 25.64
C PRO A 821 -31.06 -26.09 25.18
N LYS A 822 -30.49 -27.05 24.46
CA LYS A 822 -31.24 -28.23 24.05
C LYS A 822 -31.67 -29.04 25.26
N ASP A 823 -32.77 -29.77 25.14
CA ASP A 823 -33.35 -30.50 26.27
C ASP A 823 -32.40 -31.55 26.84
N ASP A 824 -31.64 -32.21 25.96
CA ASP A 824 -30.69 -33.23 26.40
C ASP A 824 -29.47 -32.59 27.08
N LEU A 825 -29.15 -31.37 26.68
CA LEU A 825 -28.05 -30.63 27.30
C LEU A 825 -28.50 -30.05 28.63
N ARG A 826 -29.80 -29.77 28.73
CA ARG A 826 -30.40 -29.25 29.95
C ARG A 826 -30.37 -30.30 31.05
N ASP A 827 -30.59 -31.55 30.67
CA ASP A 827 -30.56 -32.67 31.62
C ASP A 827 -29.14 -32.88 32.14
N MET A 828 -28.16 -32.71 31.27
CA MET A 828 -26.76 -32.85 31.65
C MET A 828 -26.38 -31.79 32.70
N PHE A 829 -26.86 -30.58 32.50
CA PHE A 829 -26.63 -29.50 33.44
C PHE A 829 -27.36 -29.79 34.76
N CYS A 830 -28.55 -30.37 34.65
CA CYS A 830 -29.38 -30.64 35.82
C CYS A 830 -28.78 -31.71 36.72
N LYS A 831 -28.23 -32.77 36.12
CA LYS A 831 -27.65 -33.87 36.87
C LYS A 831 -26.41 -33.43 37.65
N ILE A 832 -25.59 -32.60 37.03
CA ILE A 832 -24.37 -32.10 37.66
C ILE A 832 -24.69 -31.17 38.82
N LEU A 833 -25.69 -30.31 38.62
CA LEU A 833 -26.12 -29.39 39.66
C LEU A 833 -26.74 -30.11 40.85
N HIS A 834 -27.65 -31.04 40.56
CA HIS A 834 -28.31 -31.82 41.60
C HIS A 834 -27.35 -32.79 42.28
N GLY A 835 -26.39 -33.30 41.50
CA GLY A 835 -25.38 -34.19 42.04
C GLY A 835 -24.46 -33.48 43.01
N PHE A 836 -24.34 -32.16 42.83
CA PHE A 836 -23.49 -31.35 43.69
C PHE A 836 -24.24 -30.92 44.96
N LYS A 837 -25.53 -30.65 44.81
CA LYS A 837 -26.36 -30.23 45.93
C LYS A 837 -26.59 -31.38 46.90
N ASN A 838 -26.77 -32.59 46.35
CA ASN A 838 -26.98 -33.78 47.15
C ASN A 838 -25.67 -34.35 47.70
N GLN A 839 -24.58 -33.63 47.47
CA GLN A 839 -23.27 -34.05 47.93
C GLN A 839 -22.77 -33.20 49.08
N VAL A 840 -23.08 -31.90 49.03
CA VAL A 840 -22.61 -30.96 50.05
C VAL A 840 -23.68 -30.65 51.08
N GLY A 841 -24.94 -30.95 50.75
CA GLY A 841 -26.05 -30.68 51.64
C GLY A 841 -26.77 -29.39 51.28
N ASP A 842 -27.91 -29.16 51.93
CA ASP A 842 -28.73 -27.99 51.64
C ASP A 842 -28.20 -26.73 52.33
N GLU A 843 -27.74 -26.89 53.56
CA GLU A 843 -27.22 -25.75 54.33
C GLU A 843 -25.90 -25.24 53.75
N ASN A 844 -25.18 -26.13 53.06
CA ASN A 844 -23.92 -25.77 52.42
C ASN A 844 -24.16 -25.26 50.99
N TRP A 845 -25.40 -25.30 50.56
CA TRP A 845 -25.77 -24.85 49.22
C TRP A 845 -26.33 -23.43 49.24
N ARG A 846 -26.98 -23.06 50.34
CA ARG A 846 -27.54 -21.72 50.48
C ARG A 846 -26.43 -20.69 50.61
N ARG A 847 -25.51 -20.93 51.54
CA ARG A 847 -24.38 -20.03 51.76
C ARG A 847 -23.48 -19.98 50.55
N PHE A 848 -23.47 -21.07 49.77
CA PHE A 848 -22.72 -21.14 48.53
C PHE A 848 -23.37 -20.28 47.45
N SER A 849 -24.68 -20.06 47.59
CA SER A 849 -25.44 -19.31 46.59
C SER A 849 -25.76 -17.88 47.05
N ASP A 850 -25.28 -17.51 48.23
CA ASP A 850 -25.49 -16.17 48.75
C ASP A 850 -24.59 -15.15 48.05
N GLN A 851 -23.54 -15.65 47.40
CA GLN A 851 -22.61 -14.79 46.67
C GLN A 851 -23.01 -14.66 45.21
N PHE A 852 -24.08 -15.36 44.83
CA PHE A 852 -24.60 -15.29 43.47
C PHE A 852 -25.37 -14.00 43.24
N PRO A 853 -25.16 -13.35 42.08
CA PRO A 853 -25.95 -12.18 41.69
C PRO A 853 -27.43 -12.52 41.56
N LEU A 854 -28.27 -11.50 41.48
CA LEU A 854 -29.72 -11.69 41.38
C LEU A 854 -30.19 -12.57 40.21
N PRO A 855 -29.70 -12.32 38.98
CA PRO A 855 -30.20 -13.17 37.89
C PRO A 855 -29.64 -14.59 37.93
N LEU A 856 -28.45 -14.77 38.50
CA LEU A 856 -27.81 -16.08 38.54
C LEU A 856 -28.55 -17.06 39.45
N LYS A 857 -28.91 -16.61 40.65
CA LYS A 857 -29.53 -17.48 41.64
C LYS A 857 -30.96 -17.86 41.26
N GLU A 858 -31.68 -16.92 40.62
CA GLU A 858 -33.06 -17.16 40.24
C GLU A 858 -33.18 -18.03 38.99
N ARG A 859 -32.18 -17.94 38.11
CA ARG A 859 -32.18 -18.73 36.88
C ARG A 859 -31.99 -20.21 37.19
N LEU A 860 -31.04 -20.51 38.06
CA LEU A 860 -30.74 -21.89 38.44
C LEU A 860 -31.86 -22.51 39.24
N ALA A 861 -32.53 -21.70 40.07
CA ALA A 861 -33.58 -22.19 40.94
C ALA A 861 -34.86 -22.54 40.17
N ALA A 862 -35.01 -21.95 38.98
CA ALA A 862 -36.23 -22.15 38.19
C ALA A 862 -36.00 -23.06 36.99
N PHE A 863 -34.95 -22.80 36.23
CA PHE A 863 -34.71 -23.54 35.00
C PHE A 863 -34.18 -24.95 35.24
N TYR A 864 -33.42 -25.12 36.33
CA TYR A 864 -32.85 -26.42 36.65
C TYR A 864 -33.42 -26.98 37.96
N GLY A 865 -34.16 -26.14 38.67
CA GLY A 865 -34.82 -26.56 39.90
C GLY A 865 -33.86 -26.94 41.01
N VAL A 866 -32.73 -26.24 41.09
CA VAL A 866 -31.72 -26.54 42.10
C VAL A 866 -31.68 -25.45 43.18
N MET B 20 -3.20 1.49 -4.34
CA MET B 20 -4.33 2.39 -4.54
C MET B 20 -5.34 1.80 -5.53
N LEU B 21 -6.57 1.59 -5.05
CA LEU B 21 -7.62 1.03 -5.88
C LEU B 21 -8.63 2.12 -6.27
N ARG B 22 -8.75 3.14 -5.42
CA ARG B 22 -9.67 4.24 -5.68
C ARG B 22 -8.92 5.54 -5.92
N LEU B 23 -9.28 6.21 -7.02
CA LEU B 23 -8.57 7.41 -7.46
C LEU B 23 -8.72 8.58 -6.49
N ASN B 24 -7.61 9.25 -6.22
CA ASN B 24 -7.59 10.44 -5.38
C ASN B 24 -7.04 11.65 -6.12
N PRO B 25 -7.60 12.84 -5.87
CA PRO B 25 -7.15 14.07 -6.54
C PRO B 25 -5.80 14.56 -6.06
N TYR B 26 -5.27 13.95 -5.00
CA TYR B 26 -3.95 14.32 -4.49
C TYR B 26 -2.85 13.83 -5.41
#